data_3Q78
#
_entry.id   3Q78
#
_cell.length_a   143.020
_cell.length_b   143.020
_cell.length_c   130.550
_cell.angle_alpha   90.00
_cell.angle_beta   90.00
_cell.angle_gamma   90.00
#
_symmetry.space_group_name_H-M   'P 43 21 2'
#
loop_
_entity.id
_entity.type
_entity.pdbx_description
1 polymer 'Farnesyltransferase alpha subunit'
2 polymer 'Farnesyltransferase beta subunit'
3 polymer 'peptide substrate'
4 non-polymer 'ZINC ION'
5 non-polymer '(2S)-3-(cyclohexylamino)-2-hydroxypropane-1-sulfonic acid'
6 non-polymer 'S-[(2E,6E)-3,7,11-TRIMETHYLDODECA-2,6,10-TRIENYL] TRIHYDROGEN THIODIPHOSPHATE'
7 water water
#
loop_
_entity_poly.entity_id
_entity_poly.type
_entity_poly.pdbx_seq_one_letter_code
_entity_poly.pdbx_strand_id
1 'polypeptide(L)'
;MGSSHHHHHHSQDLMVTSTYIPMSQRRSWADVKPIMQDDGPNPVVPIMYSEEYKDAMDYFRAIAAKEEKSERALELTEII
VRMNPAHYTVWQYRFSLLTSLNKSLEDELRLMNEFAVQNLKSYQVWHHRLLLLDRISPQDPVSEIEYIHGSLLPDPKNYH
TWAYLHWLYSHFSTLGRISEAQWGSELDWCNEMLRVDGRNNSAWGWRWYLRVSRPGAETSSRSLQDELIYILKSIHLIPH
NVSAWNYLRGFLKHFSLPLVPILPAILPYTASKLNPDIETVEAFGFPMPSDPLPEDTPLPVPLALEYLADSFIEQNRVDD
AAKVFEKLSSEYDQMRAGYWEFRRRECAE
;
A
2 'polypeptide(L)'
;MATEFTPSVYSLVSKPLPSNSRPSATLDEQAETEDLISQLFDLTADPNALVSEHGKRYSGLRKQEHTQFLASSFFQLPGK
FVSLDASRPWLVFWTVHSLDLLGVALDQGTKDRVVSTLLHFLSPKGGFGGGPANSQIPHLLPTYASVCSLAIAGNDSSTG
GWKDLAAARQSIYEFFMRCKRPDGGFVVCEGGEVDVRGTYCLLVVATLLDIITPELLHNVDKFVSACQTYEGGFACASFP
FPSVVPSTSAFPTSEPSCRVSMAEAHGGYTSCSLNSHFLLTSVPLPSFPLSIDANAALRWTVLQQGEPIEGGGFRGRTNK
LVDGCYSWWVGGGAPVAEELVRREKSRKVKKSRIEVFEEEKEGDWEDVPPIPPIFNRVALQEFTLVAAQQDPGSTGGLRD
KPGKRPDQYHTCNNLSGLSIAQHKMSHSPSTVSSNRLKFDASKGLPAVKPVAPGGGWKNEDERQNARREIWANALGWIEE
EGGEIIVGGKDNRINTTTPVFNILGLRLKPFINYFYCQEN
;
B
3 'polypeptide(L)' DDPTASACNIQ D
#
loop_
_chem_comp.id
_chem_comp.type
_chem_comp.name
_chem_comp.formula
3CX non-polymer '(2S)-3-(cyclohexylamino)-2-hydroxypropane-1-sulfonic acid' 'C9 H19 N O4 S'
FPS non-polymer 'S-[(2E,6E)-3,7,11-TRIMETHYLDODECA-2,6,10-TRIENYL] TRIHYDROGEN THIODIPHOSPHATE' 'C15 H28 O6 P2 S'
ZN non-polymer 'ZINC ION' 'Zn 2'
#
# COMPACT_ATOMS: atom_id res chain seq x y z
N THR A 19 40.82 -10.95 3.00
CA THR A 19 40.79 -10.35 4.32
C THR A 19 40.50 -8.85 4.24
N TYR A 20 39.55 -8.38 5.04
CA TYR A 20 39.14 -6.99 5.01
C TYR A 20 40.15 -6.05 5.66
N ILE A 21 40.56 -5.03 4.90
CA ILE A 21 41.45 -4.00 5.42
C ILE A 21 40.62 -2.84 5.94
N PRO A 22 40.68 -2.59 7.26
CA PRO A 22 39.93 -1.48 7.86
C PRO A 22 40.28 -0.16 7.18
N MET A 23 39.31 0.73 7.06
CA MET A 23 39.55 2.02 6.41
C MET A 23 40.48 2.91 7.24
N SER A 24 40.61 2.59 8.53
CA SER A 24 41.50 3.35 9.41
C SER A 24 42.97 3.04 9.12
N GLN A 25 43.19 1.94 8.39
CA GLN A 25 44.54 1.53 8.04
C GLN A 25 44.86 1.88 6.59
N ARG A 26 43.94 2.57 5.94
CA ARG A 26 44.12 2.96 4.54
C ARG A 26 44.58 4.41 4.43
N ARG A 27 45.69 4.62 3.74
CA ARG A 27 46.28 5.95 3.63
C ARG A 27 45.36 6.95 2.95
N SER A 28 44.52 6.47 2.04
CA SER A 28 43.59 7.33 1.32
C SER A 28 42.55 7.95 2.26
N TRP A 29 42.44 7.41 3.46
CA TRP A 29 41.43 7.86 4.43
C TRP A 29 42.02 8.32 5.75
N ALA A 30 43.34 8.48 5.78
CA ALA A 30 44.04 8.82 7.02
C ALA A 30 43.54 10.13 7.64
N ASP A 31 43.23 11.10 6.79
CA ASP A 31 42.83 12.43 7.26
C ASP A 31 41.38 12.46 7.74
N VAL A 32 40.65 11.38 7.55
CA VAL A 32 39.26 11.33 7.96
C VAL A 32 39.09 10.66 9.32
N LYS A 33 38.37 11.33 10.20
CA LYS A 33 38.05 10.77 11.51
C LYS A 33 36.64 10.18 11.48
N PRO A 34 36.54 8.85 11.63
CA PRO A 34 35.23 8.19 11.53
C PRO A 34 34.30 8.59 12.66
N ILE A 35 32.99 8.54 12.40
CA ILE A 35 31.99 8.91 13.38
C ILE A 35 31.08 7.72 13.67
N MET A 36 30.93 7.39 14.96
CA MET A 36 30.13 6.24 15.37
C MET A 36 28.63 6.54 15.28
N GLN A 37 27.84 5.49 15.06
CA GLN A 37 26.39 5.63 15.00
C GLN A 37 25.86 6.08 16.35
N ASP A 38 24.99 7.09 16.34
CA ASP A 38 24.46 7.64 17.58
C ASP A 38 23.13 7.02 17.96
N ASP A 39 23.17 5.77 18.41
CA ASP A 39 21.96 5.02 18.75
C ASP A 39 21.37 5.47 20.07
N GLY A 40 22.23 5.98 20.95
CA GLY A 40 21.83 6.25 22.32
C GLY A 40 22.05 5.00 23.16
N PRO A 41 21.57 5.01 24.41
CA PRO A 41 21.78 3.88 25.31
C PRO A 41 20.82 2.71 25.05
N ASN A 42 21.39 1.52 24.91
CA ASN A 42 20.64 0.27 24.81
C ASN A 42 19.45 0.34 23.85
N PRO A 43 19.72 0.57 22.56
CA PRO A 43 18.62 0.72 21.60
C PRO A 43 17.90 -0.59 21.33
N VAL A 44 16.65 -0.50 20.90
CA VAL A 44 15.91 -1.70 20.51
C VAL A 44 16.19 -2.00 19.04
N VAL A 45 15.78 -3.19 18.62
CA VAL A 45 15.95 -3.64 17.24
C VAL A 45 17.32 -3.32 16.64
N PRO A 46 18.40 -3.51 17.42
CA PRO A 46 19.71 -3.18 16.89
C PRO A 46 20.21 -4.28 15.96
N ILE A 47 20.86 -3.89 14.87
CA ILE A 47 21.38 -4.84 13.89
C ILE A 47 22.87 -5.10 14.12
N MET A 48 23.27 -6.37 14.07
CA MET A 48 24.67 -6.72 14.22
C MET A 48 25.39 -6.54 12.88
N TYR A 49 25.78 -5.29 12.60
CA TYR A 49 26.41 -4.97 11.33
C TYR A 49 27.68 -5.78 11.11
N SER A 50 27.91 -6.20 9.88
CA SER A 50 29.16 -6.85 9.52
C SER A 50 30.29 -5.83 9.69
N GLU A 51 31.51 -6.32 9.79
CA GLU A 51 32.68 -5.46 9.91
C GLU A 51 32.72 -4.43 8.78
N GLU A 52 32.46 -4.89 7.56
CA GLU A 52 32.51 -4.02 6.39
C GLU A 52 31.47 -2.90 6.45
N TYR A 53 30.22 -3.26 6.75
CA TYR A 53 29.13 -2.29 6.75
C TYR A 53 29.31 -1.21 7.82
N LYS A 54 29.59 -1.62 9.04
CA LYS A 54 29.82 -0.67 10.13
C LYS A 54 30.93 0.30 9.78
N ASP A 55 32.04 -0.24 9.30
CA ASP A 55 33.20 0.58 8.97
C ASP A 55 32.85 1.58 7.86
N ALA A 56 32.08 1.12 6.88
CA ALA A 56 31.68 1.98 5.77
C ALA A 56 30.78 3.12 6.25
N MET A 57 29.85 2.81 7.14
CA MET A 57 28.95 3.83 7.68
C MET A 57 29.67 4.78 8.63
N ASP A 58 30.63 4.26 9.38
CA ASP A 58 31.44 5.11 10.25
C ASP A 58 32.09 6.22 9.43
N TYR A 59 32.60 5.86 8.26
CA TYR A 59 33.25 6.82 7.40
C TYR A 59 32.28 7.63 6.55
N PHE A 60 31.13 7.04 6.21
CA PHE A 60 30.11 7.80 5.50
C PHE A 60 29.57 8.93 6.38
N ARG A 61 29.39 8.65 7.67
CA ARG A 61 28.91 9.66 8.62
C ARG A 61 29.85 10.85 8.65
N ALA A 62 31.16 10.58 8.67
CA ALA A 62 32.16 11.63 8.69
C ALA A 62 32.16 12.42 7.39
N ILE A 63 32.07 11.70 6.28
CA ILE A 63 32.04 12.32 4.96
C ILE A 63 30.81 13.20 4.78
N ALA A 64 29.65 12.67 5.14
CA ALA A 64 28.39 13.38 4.98
C ALA A 64 28.29 14.58 5.91
N ALA A 65 28.77 14.41 7.15
CA ALA A 65 28.73 15.50 8.13
C ALA A 65 29.51 16.71 7.64
N LYS A 66 30.66 16.49 7.02
CA LYS A 66 31.47 17.58 6.50
C LYS A 66 31.11 17.89 5.05
N GLU A 67 30.16 17.15 4.51
CA GLU A 67 29.62 17.38 3.17
C GLU A 67 30.67 17.31 2.07
N GLU A 68 31.61 16.39 2.21
CA GLU A 68 32.67 16.23 1.22
C GLU A 68 32.14 15.67 -0.10
N LYS A 69 32.48 16.32 -1.21
CA LYS A 69 32.10 15.86 -2.53
C LYS A 69 33.34 15.46 -3.31
N SER A 70 33.69 14.18 -3.24
CA SER A 70 34.93 13.70 -3.83
C SER A 70 34.73 12.34 -4.48
N GLU A 71 35.78 11.86 -5.15
CA GLU A 71 35.75 10.55 -5.78
C GLU A 71 35.72 9.44 -4.75
N ARG A 72 36.43 9.63 -3.64
CA ARG A 72 36.47 8.61 -2.59
C ARG A 72 35.11 8.48 -1.91
N ALA A 73 34.40 9.60 -1.75
CA ALA A 73 33.06 9.57 -1.19
C ALA A 73 32.12 8.85 -2.14
N LEU A 74 32.28 9.13 -3.43
CA LEU A 74 31.46 8.49 -4.46
C LEU A 74 31.64 6.98 -4.42
N GLU A 75 32.90 6.55 -4.41
CA GLU A 75 33.20 5.13 -4.31
C GLU A 75 32.60 4.55 -3.04
N LEU A 76 32.64 5.31 -1.95
CA LEU A 76 32.12 4.85 -0.68
C LEU A 76 30.61 4.61 -0.75
N THR A 77 29.89 5.48 -1.44
CA THR A 77 28.44 5.32 -1.56
C THR A 77 28.09 4.04 -2.33
N GLU A 78 28.88 3.74 -3.37
CA GLU A 78 28.65 2.51 -4.13
C GLU A 78 28.86 1.29 -3.23
N ILE A 79 29.93 1.34 -2.43
CA ILE A 79 30.21 0.28 -1.48
C ILE A 79 29.01 0.02 -0.57
N ILE A 80 28.40 1.10 -0.09
CA ILE A 80 27.31 1.00 0.88
C ILE A 80 26.00 0.52 0.26
N VAL A 81 25.65 1.04 -0.92
CA VAL A 81 24.38 0.65 -1.55
C VAL A 81 24.39 -0.79 -2.04
N ARG A 82 25.59 -1.33 -2.29
CA ARG A 82 25.70 -2.73 -2.68
C ARG A 82 25.36 -3.65 -1.52
N MET A 83 25.71 -3.22 -0.31
CA MET A 83 25.38 -3.96 0.90
C MET A 83 23.93 -3.72 1.31
N ASN A 84 23.43 -2.51 1.04
CA ASN A 84 22.05 -2.16 1.37
C ASN A 84 21.42 -1.28 0.29
N PRO A 85 20.82 -1.92 -0.73
CA PRO A 85 20.23 -1.23 -1.88
C PRO A 85 19.06 -0.33 -1.51
N ALA A 86 18.60 -0.39 -0.26
CA ALA A 86 17.46 0.43 0.17
C ALA A 86 17.88 1.64 1.02
N HIS A 87 19.18 1.87 1.15
CA HIS A 87 19.70 2.95 1.98
C HIS A 87 19.49 4.30 1.32
N TYR A 88 18.31 4.89 1.52
CA TYR A 88 17.91 6.09 0.79
C TYR A 88 18.81 7.29 1.07
N THR A 89 19.32 7.38 2.29
CA THR A 89 20.23 8.46 2.64
C THR A 89 21.48 8.45 1.76
N VAL A 90 22.01 7.26 1.53
CA VAL A 90 23.23 7.12 0.75
C VAL A 90 22.97 7.32 -0.74
N TRP A 91 21.82 6.88 -1.22
CA TRP A 91 21.41 7.13 -2.61
C TRP A 91 21.29 8.63 -2.87
N GLN A 92 20.66 9.33 -1.94
CA GLN A 92 20.52 10.78 -2.05
C GLN A 92 21.91 11.39 -2.16
N TYR A 93 22.81 10.99 -1.28
CA TYR A 93 24.17 11.54 -1.30
C TYR A 93 24.86 11.22 -2.63
N ARG A 94 24.68 9.99 -3.11
CA ARG A 94 25.34 9.58 -4.34
C ARG A 94 24.94 10.46 -5.52
N PHE A 95 23.66 10.75 -5.65
CA PHE A 95 23.20 11.58 -6.76
C PHE A 95 23.80 12.97 -6.70
N SER A 96 23.90 13.51 -5.49
CA SER A 96 24.48 14.85 -5.32
C SER A 96 25.97 14.82 -5.66
N LEU A 97 26.59 13.67 -5.46
CA LEU A 97 27.99 13.48 -5.84
C LEU A 97 28.15 13.46 -7.36
N LEU A 98 27.24 12.75 -8.04
CA LEU A 98 27.27 12.66 -9.50
C LEU A 98 27.13 14.06 -10.11
N THR A 99 26.25 14.86 -9.51
CA THR A 99 26.02 16.22 -9.96
C THR A 99 27.24 17.12 -9.73
N SER A 100 27.74 17.11 -8.51
CA SER A 100 28.84 17.99 -8.13
C SER A 100 30.14 17.66 -8.88
N LEU A 101 30.45 16.37 -8.98
CA LEU A 101 31.67 15.94 -9.66
C LEU A 101 31.52 15.97 -11.17
N ASN A 102 30.29 16.23 -11.62
CA ASN A 102 29.99 16.25 -13.05
C ASN A 102 30.39 14.94 -13.72
N LYS A 103 29.96 13.84 -13.10
CA LYS A 103 30.27 12.50 -13.60
C LYS A 103 29.45 12.18 -14.84
N SER A 104 29.91 11.19 -15.61
CA SER A 104 29.14 10.70 -16.75
C SER A 104 27.88 9.99 -16.26
N LEU A 105 26.72 10.57 -16.54
CA LEU A 105 25.46 9.98 -16.14
C LEU A 105 25.14 8.74 -16.96
N GLU A 106 25.69 8.67 -18.17
CA GLU A 106 25.52 7.50 -19.01
C GLU A 106 26.25 6.29 -18.42
N ASP A 107 27.45 6.53 -17.89
CA ASP A 107 28.19 5.49 -17.18
C ASP A 107 27.43 5.01 -15.96
N GLU A 108 26.88 5.96 -15.19
CA GLU A 108 26.12 5.62 -14.00
C GLU A 108 24.90 4.78 -14.36
N LEU A 109 24.26 5.13 -15.47
CA LEU A 109 23.10 4.39 -15.94
C LEU A 109 23.47 2.96 -16.27
N ARG A 110 24.62 2.78 -16.92
CA ARG A 110 25.13 1.43 -17.19
C ARG A 110 25.36 0.66 -15.89
N LEU A 111 25.87 1.36 -14.88
CA LEU A 111 26.08 0.76 -13.58
C LEU A 111 24.75 0.30 -12.98
N MET A 112 23.70 1.07 -13.24
CA MET A 112 22.37 0.75 -12.74
C MET A 112 21.78 -0.48 -13.44
N ASN A 113 22.28 -0.77 -14.63
CA ASN A 113 21.81 -1.95 -15.37
C ASN A 113 22.23 -3.25 -14.68
N GLU A 114 23.38 -3.22 -14.01
CA GLU A 114 23.80 -4.37 -13.21
C GLU A 114 22.95 -4.46 -11.96
N PHE A 115 22.78 -3.32 -11.28
CA PHE A 115 21.97 -3.25 -10.07
C PHE A 115 20.55 -3.77 -10.28
N ALA A 116 19.84 -3.16 -11.23
CA ALA A 116 18.44 -3.47 -11.48
C ALA A 116 18.19 -4.97 -11.61
N VAL A 117 19.20 -5.70 -12.08
CA VAL A 117 19.09 -7.14 -12.25
C VAL A 117 18.66 -7.84 -10.96
N GLN A 118 19.38 -7.54 -9.88
CA GLN A 118 19.22 -8.25 -8.61
C GLN A 118 18.37 -7.49 -7.61
N ASN A 119 18.11 -6.21 -7.90
CA ASN A 119 17.35 -5.36 -6.97
C ASN A 119 16.12 -4.76 -7.64
N LEU A 120 15.30 -5.63 -8.24
CA LEU A 120 14.15 -5.21 -9.02
C LEU A 120 13.07 -4.50 -8.21
N LYS A 121 13.09 -4.67 -6.89
CA LYS A 121 12.05 -4.11 -6.05
C LYS A 121 12.55 -3.06 -5.06
N SER A 122 13.66 -2.42 -5.41
CA SER A 122 14.19 -1.32 -4.61
C SER A 122 13.66 0.01 -5.12
N TYR A 123 12.86 0.68 -4.29
CA TYR A 123 12.35 2.00 -4.63
C TYR A 123 13.50 2.93 -5.01
N GLN A 124 14.61 2.80 -4.31
CA GLN A 124 15.73 3.73 -4.47
C GLN A 124 16.46 3.57 -5.79
N VAL A 125 16.63 2.33 -6.23
CA VAL A 125 17.28 2.07 -7.51
C VAL A 125 16.46 2.65 -8.67
N TRP A 126 15.14 2.46 -8.60
CA TRP A 126 14.26 2.92 -9.66
C TRP A 126 14.13 4.43 -9.70
N HIS A 127 14.07 5.05 -8.53
CA HIS A 127 14.00 6.50 -8.47
C HIS A 127 15.32 7.11 -8.97
N HIS A 128 16.43 6.47 -8.61
CA HIS A 128 17.75 6.92 -9.05
C HIS A 128 17.80 6.90 -10.57
N ARG A 129 17.26 5.84 -11.16
CA ARG A 129 17.22 5.72 -12.61
C ARG A 129 16.33 6.79 -13.23
N LEU A 130 15.23 7.11 -12.56
CA LEU A 130 14.36 8.18 -13.01
C LEU A 130 15.11 9.50 -13.01
N LEU A 131 15.83 9.77 -11.93
CA LEU A 131 16.59 11.01 -11.81
C LEU A 131 17.64 11.14 -12.90
N LEU A 132 18.29 10.02 -13.24
CA LEU A 132 19.32 10.02 -14.28
C LEU A 132 18.74 10.38 -15.64
N LEU A 133 17.63 9.73 -16.00
CA LEU A 133 17.03 9.97 -17.31
C LEU A 133 16.38 11.35 -17.42
N ASP A 134 15.84 11.84 -16.31
CA ASP A 134 15.32 13.20 -16.27
C ASP A 134 16.45 14.20 -16.52
N ARG A 135 17.62 13.92 -15.98
CA ARG A 135 18.76 14.82 -16.10
C ARG A 135 19.43 14.69 -17.46
N ILE A 136 19.73 13.45 -17.86
CA ILE A 136 20.33 13.21 -19.17
C ILE A 136 19.42 13.78 -20.26
N SER A 137 18.11 13.61 -20.07
CA SER A 137 17.10 14.13 -20.99
C SER A 137 17.46 13.89 -22.45
N PRO A 138 17.49 12.62 -22.87
CA PRO A 138 17.85 12.33 -24.26
C PRO A 138 16.76 12.80 -25.23
N GLN A 139 17.16 13.13 -26.46
CA GLN A 139 16.22 13.58 -27.48
C GLN A 139 15.31 12.43 -27.90
N ASP A 140 15.83 11.21 -27.85
CA ASP A 140 15.06 10.01 -28.16
C ASP A 140 15.35 8.95 -27.11
N PRO A 141 14.34 8.59 -26.31
CA PRO A 141 14.51 7.65 -25.21
C PRO A 141 14.27 6.20 -25.64
N VAL A 142 14.35 5.95 -26.94
CA VAL A 142 14.05 4.63 -27.48
C VAL A 142 14.93 3.53 -26.87
N SER A 143 16.19 3.83 -26.62
CA SER A 143 17.12 2.84 -26.09
C SER A 143 16.77 2.49 -24.64
N GLU A 144 16.33 3.49 -23.88
CA GLU A 144 15.93 3.25 -22.50
C GLU A 144 14.61 2.46 -22.45
N ILE A 145 13.72 2.76 -23.39
CA ILE A 145 12.45 2.06 -23.48
C ILE A 145 12.67 0.59 -23.78
N GLU A 146 13.58 0.31 -24.70
CA GLU A 146 13.90 -1.06 -25.06
C GLU A 146 14.55 -1.79 -23.89
N TYR A 147 15.41 -1.09 -23.15
CA TYR A 147 15.98 -1.68 -21.94
C TYR A 147 14.88 -2.11 -20.98
N ILE A 148 13.93 -1.21 -20.73
CA ILE A 148 12.83 -1.50 -19.83
C ILE A 148 12.02 -2.71 -20.29
N HIS A 149 11.82 -2.82 -21.60
CA HIS A 149 11.10 -3.95 -22.17
C HIS A 149 11.82 -5.27 -21.87
N GLY A 150 13.13 -5.28 -22.11
CA GLY A 150 13.92 -6.47 -21.86
C GLY A 150 13.94 -6.79 -20.38
N SER A 151 13.81 -5.75 -19.57
CA SER A 151 13.80 -5.88 -18.12
C SER A 151 12.57 -6.62 -17.62
N LEU A 152 11.47 -6.52 -18.37
CA LEU A 152 10.21 -7.10 -17.96
C LEU A 152 10.07 -8.59 -18.31
N LEU A 153 10.98 -9.11 -19.11
CA LEU A 153 10.93 -10.51 -19.52
C LEU A 153 11.02 -11.52 -18.35
N PRO A 154 11.98 -11.30 -17.42
CA PRO A 154 12.11 -12.24 -16.31
C PRO A 154 11.13 -11.97 -15.16
N ASP A 155 10.53 -10.78 -15.13
CA ASP A 155 9.49 -10.48 -14.15
C ASP A 155 8.48 -9.51 -14.76
N PRO A 156 7.51 -10.06 -15.51
CA PRO A 156 6.56 -9.29 -16.33
C PRO A 156 5.57 -8.47 -15.52
N LYS A 157 5.58 -8.62 -14.20
CA LYS A 157 4.62 -7.90 -13.37
C LYS A 157 5.27 -6.98 -12.34
N ASN A 158 6.57 -6.71 -12.51
CA ASN A 158 7.28 -5.84 -11.59
C ASN A 158 6.64 -4.45 -11.53
N TYR A 159 6.05 -4.13 -10.39
CA TYR A 159 5.30 -2.89 -10.24
C TYR A 159 6.13 -1.65 -10.52
N HIS A 160 7.32 -1.58 -9.92
CA HIS A 160 8.21 -0.44 -10.10
C HIS A 160 8.51 -0.20 -11.57
N THR A 161 8.72 -1.29 -12.30
CA THR A 161 9.12 -1.19 -13.69
C THR A 161 7.99 -0.63 -14.55
N TRP A 162 6.78 -1.09 -14.29
CA TRP A 162 5.62 -0.60 -15.03
C TRP A 162 5.37 0.88 -14.72
N ALA A 163 5.42 1.24 -13.43
CA ALA A 163 5.26 2.62 -13.04
C ALA A 163 6.32 3.49 -13.72
N TYR A 164 7.53 2.97 -13.79
CA TYR A 164 8.64 3.68 -14.41
C TYR A 164 8.40 3.87 -15.92
N LEU A 165 7.88 2.83 -16.57
CA LEU A 165 7.59 2.90 -17.99
C LEU A 165 6.54 3.97 -18.28
N HIS A 166 5.54 4.05 -17.41
CA HIS A 166 4.53 5.10 -17.49
C HIS A 166 5.16 6.48 -17.41
N TRP A 167 5.97 6.70 -16.38
CA TRP A 167 6.61 8.00 -16.21
C TRP A 167 7.47 8.37 -17.42
N LEU A 168 8.18 7.37 -17.94
CA LEU A 168 9.10 7.60 -19.05
C LEU A 168 8.36 8.15 -20.26
N TYR A 169 7.37 7.40 -20.73
CA TYR A 169 6.56 7.85 -21.86
C TYR A 169 5.83 9.15 -21.56
N SER A 170 5.33 9.30 -20.34
CA SER A 170 4.59 10.50 -19.95
C SER A 170 5.48 11.73 -19.97
N HIS A 171 6.62 11.64 -19.30
CA HIS A 171 7.56 12.75 -19.21
C HIS A 171 8.08 13.16 -20.58
N PHE A 172 8.54 12.21 -21.37
CA PHE A 172 9.15 12.52 -22.65
C PHE A 172 8.14 12.87 -23.74
N SER A 173 6.88 12.53 -23.51
CA SER A 173 5.82 12.92 -24.44
C SER A 173 5.49 14.41 -24.27
N THR A 174 5.61 14.91 -23.04
CA THR A 174 5.35 16.33 -22.79
C THR A 174 6.42 17.19 -23.43
N LEU A 175 7.59 16.59 -23.68
CA LEU A 175 8.67 17.28 -24.37
C LEU A 175 8.53 17.09 -25.88
N GLY A 176 7.46 16.42 -26.29
CA GLY A 176 7.20 16.18 -27.70
C GLY A 176 8.21 15.27 -28.36
N ARG A 177 8.81 14.36 -27.58
CA ARG A 177 9.88 13.52 -28.09
C ARG A 177 9.47 12.10 -28.40
N ILE A 178 8.17 11.81 -28.30
CA ILE A 178 7.64 10.50 -28.66
C ILE A 178 6.89 10.60 -29.98
N SER A 179 7.43 9.96 -31.02
CA SER A 179 6.83 10.02 -32.34
C SER A 179 5.67 9.03 -32.48
N GLU A 180 4.88 9.19 -33.54
CA GLU A 180 3.75 8.31 -33.78
C GLU A 180 4.20 6.88 -34.03
N ALA A 181 5.32 6.72 -34.74
CA ALA A 181 5.88 5.40 -34.96
C ALA A 181 6.27 4.76 -33.62
N GLN A 182 6.75 5.58 -32.69
CA GLN A 182 7.14 5.10 -31.38
C GLN A 182 5.93 4.60 -30.59
N TRP A 183 4.84 5.37 -30.61
CA TRP A 183 3.59 4.94 -29.97
C TRP A 183 3.11 3.62 -30.60
N GLY A 184 3.18 3.54 -31.91
CA GLY A 184 2.74 2.36 -32.63
C GLY A 184 3.48 1.11 -32.21
N SER A 185 4.81 1.21 -32.13
CA SER A 185 5.64 0.08 -31.74
C SER A 185 5.36 -0.32 -30.29
N GLU A 186 5.01 0.67 -29.47
CA GLU A 186 4.72 0.42 -28.07
C GLU A 186 3.45 -0.40 -27.91
N LEU A 187 2.42 -0.06 -28.68
CA LEU A 187 1.17 -0.82 -28.68
C LEU A 187 1.43 -2.23 -29.21
N ASP A 188 2.21 -2.32 -30.29
CA ASP A 188 2.62 -3.63 -30.81
C ASP A 188 3.23 -4.47 -29.70
N TRP A 189 4.13 -3.86 -28.92
CA TRP A 189 4.80 -4.56 -27.83
C TRP A 189 3.81 -4.98 -26.75
N CYS A 190 2.89 -4.09 -26.42
CA CYS A 190 1.87 -4.38 -25.41
C CYS A 190 0.95 -5.51 -25.87
N ASN A 191 0.61 -5.53 -27.15
CA ASN A 191 -0.20 -6.61 -27.72
C ASN A 191 0.50 -7.96 -27.59
N GLU A 192 1.80 -7.97 -27.85
CA GLU A 192 2.59 -9.19 -27.72
C GLU A 192 2.65 -9.66 -26.28
N MET A 193 2.75 -8.72 -25.34
CA MET A 193 2.78 -9.05 -23.92
C MET A 193 1.49 -9.74 -23.49
N LEU A 194 0.37 -9.19 -23.92
CA LEU A 194 -0.94 -9.75 -23.59
C LEU A 194 -1.20 -11.08 -24.32
N ARG A 195 -0.57 -11.26 -25.47
CA ARG A 195 -0.68 -12.53 -26.19
C ARG A 195 0.04 -13.64 -25.43
N VAL A 196 1.23 -13.32 -24.93
CA VAL A 196 2.02 -14.28 -24.17
C VAL A 196 1.33 -14.66 -22.86
N ASP A 197 0.64 -13.70 -22.24
CA ASP A 197 -0.10 -13.96 -21.02
C ASP A 197 -1.27 -13.00 -20.89
N GLY A 198 -2.45 -13.44 -21.31
CA GLY A 198 -3.64 -12.61 -21.24
C GLY A 198 -4.06 -12.29 -19.82
N ARG A 199 -3.45 -12.97 -18.85
CA ARG A 199 -3.78 -12.74 -17.45
C ARG A 199 -2.80 -11.78 -16.77
N ASN A 200 -1.94 -11.14 -17.56
CA ASN A 200 -1.03 -10.14 -17.00
C ASN A 200 -1.73 -8.79 -16.84
N ASN A 201 -2.24 -8.54 -15.64
CA ASN A 201 -2.99 -7.31 -15.38
C ASN A 201 -2.15 -6.05 -15.60
N SER A 202 -0.83 -6.19 -15.45
CA SER A 202 0.08 -5.06 -15.65
C SER A 202 0.05 -4.62 -17.12
N ALA A 203 0.01 -5.60 -18.03
CA ALA A 203 -0.01 -5.32 -19.45
C ALA A 203 -1.34 -4.69 -19.87
N TRP A 204 -2.43 -5.12 -19.24
CA TRP A 204 -3.73 -4.52 -19.46
C TRP A 204 -3.72 -3.05 -19.03
N GLY A 205 -3.08 -2.78 -17.89
CA GLY A 205 -2.96 -1.43 -17.40
C GLY A 205 -2.21 -0.55 -18.39
N TRP A 206 -1.17 -1.11 -18.99
CA TRP A 206 -0.37 -0.37 -19.97
C TRP A 206 -1.20 -0.12 -21.23
N ARG A 207 -2.02 -1.10 -21.61
CA ARG A 207 -2.87 -0.92 -22.77
C ARG A 207 -3.85 0.22 -22.55
N TRP A 208 -4.40 0.29 -21.34
CA TRP A 208 -5.34 1.35 -21.00
C TRP A 208 -4.71 2.72 -21.15
N TYR A 209 -3.44 2.83 -20.77
CA TYR A 209 -2.72 4.09 -20.91
C TYR A 209 -2.50 4.43 -22.39
N LEU A 210 -2.12 3.42 -23.17
CA LEU A 210 -1.83 3.61 -24.58
C LEU A 210 -3.06 3.94 -25.41
N ARG A 211 -4.20 3.34 -25.05
CA ARG A 211 -5.41 3.44 -25.85
C ARG A 211 -6.46 4.40 -25.29
N VAL A 212 -6.39 4.69 -24.00
CA VAL A 212 -7.44 5.51 -23.38
C VAL A 212 -6.94 6.76 -22.65
N SER A 213 -6.10 6.57 -21.64
CA SER A 213 -5.77 7.65 -20.71
C SER A 213 -4.75 8.68 -21.23
N ARG A 214 -3.74 8.22 -21.97
CA ARG A 214 -2.72 9.15 -22.46
C ARG A 214 -3.38 10.24 -23.31
N PRO A 215 -2.85 11.46 -23.23
CA PRO A 215 -3.38 12.62 -23.94
C PRO A 215 -3.53 12.36 -25.45
N GLY A 216 -2.58 11.66 -26.03
CA GLY A 216 -2.58 11.44 -27.47
C GLY A 216 -3.36 10.21 -27.92
N ALA A 217 -4.07 9.59 -26.99
CA ALA A 217 -4.85 8.40 -27.32
C ALA A 217 -5.85 8.71 -28.43
N GLU A 218 -6.04 7.75 -29.33
CA GLU A 218 -6.98 7.92 -30.44
C GLU A 218 -8.41 7.68 -29.94
N THR A 219 -9.21 8.74 -29.94
CA THR A 219 -10.58 8.65 -29.43
C THR A 219 -11.60 8.92 -30.54
N SER A 220 -11.70 7.99 -31.49
CA SER A 220 -12.68 8.13 -32.57
C SER A 220 -13.76 7.05 -32.45
N ARG A 222 -14.96 4.91 -34.28
CA ARG A 222 -14.32 3.80 -34.98
C ARG A 222 -13.22 3.18 -34.12
N SER A 223 -12.43 4.02 -33.47
CA SER A 223 -11.36 3.55 -32.60
C SER A 223 -11.95 2.82 -31.41
N LEU A 224 -13.01 3.41 -30.83
CA LEU A 224 -13.72 2.79 -29.72
C LEU A 224 -14.26 1.42 -30.13
N GLN A 225 -14.77 1.35 -31.35
CA GLN A 225 -15.34 0.11 -31.87
C GLN A 225 -14.27 -0.96 -31.98
N ASP A 226 -13.10 -0.59 -32.49
CA ASP A 226 -11.97 -1.50 -32.58
C ASP A 226 -11.57 -2.04 -31.22
N GLU A 227 -11.60 -1.17 -30.21
CA GLU A 227 -11.21 -1.56 -28.86
C GLU A 227 -12.16 -2.62 -28.31
N LEU A 228 -13.45 -2.38 -28.43
CA LEU A 228 -14.45 -3.34 -27.98
C LEU A 228 -14.22 -4.70 -28.61
N ILE A 229 -13.88 -4.72 -29.89
CA ILE A 229 -13.59 -5.97 -30.59
C ILE A 229 -12.46 -6.70 -29.89
N TYR A 230 -11.38 -5.97 -29.60
CA TYR A 230 -10.23 -6.56 -28.93
C TYR A 230 -10.62 -7.11 -27.56
N ILE A 231 -11.35 -6.31 -26.79
CA ILE A 231 -11.75 -6.68 -25.45
C ILE A 231 -12.61 -7.96 -25.48
N LEU A 232 -13.68 -7.92 -26.27
CA LEU A 232 -14.58 -9.06 -26.38
C LEU A 232 -13.87 -10.34 -26.82
N LYS A 233 -12.95 -10.21 -27.77
CA LYS A 233 -12.17 -11.35 -28.23
C LYS A 233 -11.28 -11.89 -27.11
N SER A 234 -10.76 -10.99 -26.29
CA SER A 234 -9.95 -11.39 -25.14
C SER A 234 -10.78 -12.20 -24.16
N ILE A 235 -11.98 -11.71 -23.89
CA ILE A 235 -12.91 -12.40 -23.00
C ILE A 235 -13.23 -13.79 -23.51
N HIS A 236 -13.52 -13.90 -24.80
CA HIS A 236 -13.88 -15.18 -25.39
C HIS A 236 -12.70 -16.15 -25.41
N LEU A 237 -11.49 -15.60 -25.45
CA LEU A 237 -10.30 -16.43 -25.37
C LEU A 237 -10.14 -16.98 -23.96
N ILE A 238 -10.43 -16.15 -22.96
CA ILE A 238 -10.30 -16.54 -21.56
C ILE A 238 -11.47 -15.97 -20.74
N PRO A 239 -12.63 -16.63 -20.83
CA PRO A 239 -13.87 -16.16 -20.19
C PRO A 239 -13.74 -15.89 -18.68
N HIS A 240 -12.83 -16.57 -18.00
CA HIS A 240 -12.66 -16.37 -16.58
C HIS A 240 -11.55 -15.39 -16.23
N ASN A 241 -11.08 -14.64 -17.22
CA ASN A 241 -10.02 -13.66 -16.99
C ASN A 241 -10.54 -12.37 -16.36
N VAL A 242 -10.36 -12.24 -15.05
CA VAL A 242 -10.84 -11.07 -14.32
C VAL A 242 -10.31 -9.77 -14.92
N SER A 243 -9.08 -9.82 -15.45
CA SER A 243 -8.47 -8.63 -16.06
C SER A 243 -9.29 -8.09 -17.23
N ALA A 244 -9.67 -8.98 -18.14
CA ALA A 244 -10.43 -8.58 -19.33
C ALA A 244 -11.78 -7.98 -18.95
N TRP A 245 -12.44 -8.59 -17.98
CA TRP A 245 -13.73 -8.09 -17.51
C TRP A 245 -13.64 -6.70 -16.89
N ASN A 246 -12.65 -6.50 -16.02
CA ASN A 246 -12.45 -5.19 -15.42
C ASN A 246 -12.18 -4.13 -16.49
N TYR A 247 -11.42 -4.51 -17.51
CA TYR A 247 -11.10 -3.62 -18.62
C TYR A 247 -12.36 -3.27 -19.40
N LEU A 248 -13.20 -4.27 -19.65
CA LEU A 248 -14.46 -4.06 -20.36
C LEU A 248 -15.36 -3.10 -19.60
N ARG A 249 -15.54 -3.35 -18.31
CA ARG A 249 -16.39 -2.52 -17.46
C ARG A 249 -15.85 -1.10 -17.35
N GLY A 250 -14.55 -0.97 -17.16
CA GLY A 250 -13.91 0.32 -17.09
C GLY A 250 -14.05 1.09 -18.37
N PHE A 251 -13.85 0.40 -19.49
CA PHE A 251 -13.95 1.00 -20.81
C PHE A 251 -15.35 1.58 -21.05
N LEU A 252 -16.37 0.75 -20.86
CA LEU A 252 -17.75 1.18 -21.08
C LEU A 252 -18.12 2.35 -20.17
N LYS A 253 -17.61 2.32 -18.96
CA LYS A 253 -17.91 3.36 -17.97
C LYS A 253 -17.22 4.68 -18.31
N HIS A 254 -15.98 4.58 -18.79
CA HIS A 254 -15.20 5.77 -19.12
C HIS A 254 -15.82 6.54 -20.29
N PHE A 255 -16.22 5.82 -21.33
CA PHE A 255 -16.79 6.44 -22.53
C PHE A 255 -18.32 6.46 -22.51
N SER A 256 -18.90 6.27 -21.33
CA SER A 256 -20.35 6.32 -21.16
C SER A 256 -21.08 5.53 -22.25
N LEU A 257 -20.74 4.25 -22.38
CA LEU A 257 -21.36 3.39 -23.38
C LEU A 257 -22.31 2.39 -22.71
N PRO A 258 -23.51 2.21 -23.29
CA PRO A 258 -24.51 1.27 -22.78
C PRO A 258 -24.01 -0.17 -22.82
N LEU A 259 -24.46 -0.98 -21.86
CA LEU A 259 -24.07 -2.39 -21.80
C LEU A 259 -24.98 -3.25 -22.68
N VAL A 260 -26.26 -2.89 -22.73
CA VAL A 260 -27.26 -3.69 -23.43
C VAL A 260 -26.84 -4.13 -24.84
N PRO A 261 -26.39 -3.18 -25.68
CA PRO A 261 -26.07 -3.53 -27.06
C PRO A 261 -25.00 -4.61 -27.18
N ILE A 262 -24.11 -4.70 -26.18
CA ILE A 262 -23.04 -5.70 -26.20
C ILE A 262 -23.48 -6.97 -25.47
N LEU A 263 -24.59 -6.87 -24.76
CA LEU A 263 -25.07 -7.98 -23.92
C LEU A 263 -25.06 -9.35 -24.61
N PRO A 264 -25.51 -9.43 -25.87
CA PRO A 264 -25.56 -10.73 -26.56
C PRO A 264 -24.23 -11.48 -26.54
N ALA A 265 -23.12 -10.74 -26.44
CA ALA A 265 -21.80 -11.37 -26.43
C ALA A 265 -21.46 -11.95 -25.06
N ILE A 266 -22.11 -11.45 -24.02
CA ILE A 266 -21.83 -11.87 -22.65
C ILE A 266 -22.87 -12.86 -22.14
N LEU A 267 -24.10 -12.72 -22.63
CA LEU A 267 -25.22 -13.53 -22.18
C LEU A 267 -24.91 -15.03 -22.05
N PRO A 268 -24.21 -15.61 -23.04
CA PRO A 268 -23.88 -17.04 -22.97
C PRO A 268 -23.15 -17.45 -21.69
N TYR A 269 -22.34 -16.54 -21.13
CA TYR A 269 -21.56 -16.85 -19.93
C TYR A 269 -22.41 -16.76 -18.66
N THR A 270 -23.71 -16.64 -18.82
CA THR A 270 -24.63 -16.59 -17.67
C THR A 270 -25.69 -17.69 -17.75
N PHE A 286 -20.43 -7.49 -33.28
CA PHE A 286 -19.43 -7.76 -32.25
C PHE A 286 -19.13 -9.26 -32.13
N PRO A 287 -17.89 -9.59 -31.74
CA PRO A 287 -17.46 -10.99 -31.60
C PRO A 287 -18.31 -11.78 -30.62
N MET A 288 -18.56 -13.05 -30.93
CA MET A 288 -19.34 -13.93 -30.07
C MET A 288 -18.47 -15.05 -29.51
N PRO A 289 -18.91 -15.68 -28.42
CA PRO A 289 -18.21 -16.82 -27.81
C PRO A 289 -18.14 -18.00 -28.78
N SER A 290 -17.48 -19.08 -28.35
CA SER A 290 -17.34 -20.26 -29.18
C SER A 290 -18.52 -21.20 -29.03
N LEU A 293 -17.83 -23.50 -26.74
CA LEU A 293 -17.08 -22.92 -25.63
C LEU A 293 -15.81 -23.70 -25.32
N PRO A 294 -14.73 -22.98 -24.96
CA PRO A 294 -13.44 -23.60 -24.63
C PRO A 294 -13.58 -24.63 -23.52
N GLU A 295 -12.74 -25.67 -23.55
CA GLU A 295 -12.76 -26.70 -22.52
C GLU A 295 -12.40 -26.08 -21.18
N ASP A 296 -12.96 -26.64 -20.10
CA ASP A 296 -12.69 -26.14 -18.75
C ASP A 296 -13.14 -24.70 -18.59
N THR A 297 -14.42 -24.45 -18.85
CA THR A 297 -15.01 -23.12 -18.69
C THR A 297 -16.35 -23.23 -17.98
N PRO A 298 -16.31 -23.53 -16.67
CA PRO A 298 -17.52 -23.70 -15.85
C PRO A 298 -18.42 -22.48 -15.89
N LEU A 299 -19.73 -22.70 -15.95
CA LEU A 299 -20.69 -21.60 -15.98
C LEU A 299 -21.55 -21.59 -14.73
N PRO A 300 -21.99 -20.40 -14.30
CA PRO A 300 -21.71 -19.13 -14.98
C PRO A 300 -20.47 -18.43 -14.46
N VAL A 301 -19.99 -17.45 -15.22
CA VAL A 301 -18.88 -16.61 -14.79
C VAL A 301 -19.45 -15.46 -13.95
N PRO A 302 -19.01 -15.35 -12.70
CA PRO A 302 -19.53 -14.33 -11.77
C PRO A 302 -19.56 -12.93 -12.39
N LEU A 303 -18.46 -12.50 -12.99
CA LEU A 303 -18.39 -11.16 -13.57
C LEU A 303 -19.34 -10.99 -14.75
N ALA A 304 -19.66 -12.09 -15.41
CA ALA A 304 -20.67 -12.08 -16.46
C ALA A 304 -22.04 -11.78 -15.85
N LEU A 305 -22.30 -12.37 -14.68
CA LEU A 305 -23.54 -12.13 -13.96
C LEU A 305 -23.66 -10.69 -13.49
N GLU A 306 -22.54 -10.13 -13.03
CA GLU A 306 -22.51 -8.73 -12.63
C GLU A 306 -22.86 -7.83 -13.81
N TYR A 307 -22.36 -8.22 -14.99
CA TYR A 307 -22.65 -7.49 -16.21
C TYR A 307 -24.15 -7.57 -16.54
N LEU A 308 -24.71 -8.77 -16.44
CA LEU A 308 -26.13 -8.97 -16.71
C LEU A 308 -26.99 -8.16 -15.75
N ALA A 309 -26.58 -8.13 -14.48
CA ALA A 309 -27.31 -7.40 -13.45
C ALA A 309 -27.25 -5.90 -13.72
N ASP A 310 -26.06 -5.40 -14.01
CA ASP A 310 -25.90 -3.98 -14.33
C ASP A 310 -26.63 -3.62 -15.62
N SER A 311 -26.78 -4.59 -16.51
CA SER A 311 -27.58 -4.41 -17.73
C SER A 311 -29.03 -4.14 -17.37
N PHE A 312 -29.58 -4.96 -16.47
CA PHE A 312 -30.95 -4.78 -16.00
C PHE A 312 -31.13 -3.42 -15.34
N ILE A 313 -30.18 -3.03 -14.50
CA ILE A 313 -30.21 -1.72 -13.85
C ILE A 313 -30.28 -0.61 -14.89
N GLU A 314 -29.54 -0.79 -15.98
CA GLU A 314 -29.53 0.16 -17.08
C GLU A 314 -30.88 0.18 -17.77
N GLN A 315 -31.60 -0.94 -17.70
CA GLN A 315 -32.92 -1.05 -18.31
C GLN A 315 -34.03 -0.71 -17.33
N ASN A 316 -33.65 -0.26 -16.14
CA ASN A 316 -34.62 0.07 -15.09
C ASN A 316 -35.41 -1.14 -14.62
N ARG A 317 -34.85 -2.33 -14.80
CA ARG A 317 -35.47 -3.57 -14.34
C ARG A 317 -34.86 -3.99 -13.00
N VAL A 318 -35.18 -3.24 -11.95
CA VAL A 318 -34.55 -3.41 -10.65
C VAL A 318 -34.78 -4.79 -10.02
N ASP A 319 -35.95 -5.37 -10.25
CA ASP A 319 -36.27 -6.67 -9.68
C ASP A 319 -35.47 -7.79 -10.33
N ASP A 320 -35.30 -7.71 -11.64
CA ASP A 320 -34.50 -8.69 -12.37
C ASP A 320 -33.04 -8.60 -11.97
N ALA A 321 -32.58 -7.37 -11.74
CA ALA A 321 -31.20 -7.14 -11.31
C ALA A 321 -31.01 -7.68 -9.90
N ALA A 322 -32.02 -7.49 -9.05
CA ALA A 322 -31.94 -7.96 -7.68
C ALA A 322 -31.84 -9.49 -7.64
N LYS A 323 -32.58 -10.14 -8.54
CA LYS A 323 -32.61 -11.60 -8.59
C LYS A 323 -31.25 -12.20 -8.96
N VAL A 324 -30.52 -11.54 -9.84
CA VAL A 324 -29.20 -12.02 -10.25
C VAL A 324 -28.15 -11.74 -9.17
N PHE A 325 -28.31 -10.61 -8.48
CA PHE A 325 -27.45 -10.30 -7.34
C PHE A 325 -27.64 -11.35 -6.26
N GLU A 326 -28.89 -11.74 -6.05
CA GLU A 326 -29.24 -12.74 -5.05
C GLU A 326 -28.60 -14.09 -5.39
N LYS A 327 -28.61 -14.43 -6.68
CA LYS A 327 -27.97 -15.66 -7.15
C LYS A 327 -26.46 -15.63 -6.91
N LEU A 328 -25.83 -14.50 -7.21
CA LEU A 328 -24.41 -14.32 -6.95
C LEU A 328 -24.12 -14.52 -5.47
N SER A 329 -25.01 -14.02 -4.62
CA SER A 329 -24.82 -14.05 -3.18
C SER A 329 -25.06 -15.46 -2.60
N SER A 330 -26.02 -16.17 -3.17
CA SER A 330 -26.44 -17.46 -2.61
C SER A 330 -25.76 -18.68 -3.24
N GLU A 331 -25.37 -18.56 -4.51
CA GLU A 331 -24.92 -19.75 -5.24
C GLU A 331 -23.61 -19.59 -6.02
N TYR A 332 -23.49 -18.50 -6.78
CA TYR A 332 -22.47 -18.42 -7.81
C TYR A 332 -21.18 -17.68 -7.42
N ASP A 333 -21.24 -16.91 -6.34
CA ASP A 333 -20.04 -16.22 -5.85
C ASP A 333 -20.20 -15.94 -4.36
N GLN A 334 -20.36 -17.01 -3.59
CA GLN A 334 -20.71 -16.93 -2.18
C GLN A 334 -19.65 -16.29 -1.30
N MET A 335 -18.40 -16.29 -1.75
CA MET A 335 -17.34 -15.64 -1.00
C MET A 335 -17.71 -14.17 -0.78
N ARG A 336 -18.42 -13.60 -1.75
CA ARG A 336 -18.87 -12.22 -1.66
C ARG A 336 -20.37 -12.12 -1.38
N ALA A 337 -20.89 -13.09 -0.63
CA ALA A 337 -22.31 -13.13 -0.30
C ALA A 337 -22.80 -11.79 0.23
N GLY A 338 -22.02 -11.19 1.12
CA GLY A 338 -22.41 -9.93 1.75
C GLY A 338 -22.45 -8.76 0.78
N TYR A 339 -21.45 -8.68 -0.09
CA TYR A 339 -21.36 -7.61 -1.06
C TYR A 339 -22.49 -7.66 -2.08
N TRP A 340 -22.75 -8.85 -2.63
CA TRP A 340 -23.82 -9.03 -3.60
C TRP A 340 -25.18 -8.80 -2.94
N GLU A 341 -25.30 -9.19 -1.67
CA GLU A 341 -26.49 -8.91 -0.89
C GLU A 341 -26.67 -7.40 -0.77
N PHE A 342 -25.56 -6.70 -0.56
CA PHE A 342 -25.56 -5.25 -0.51
C PHE A 342 -26.07 -4.65 -1.82
N ARG A 343 -25.58 -5.18 -2.94
CA ARG A 343 -25.99 -4.72 -4.27
C ARG A 343 -27.46 -5.04 -4.52
N ARG A 344 -27.92 -6.16 -3.98
CA ARG A 344 -29.31 -6.56 -4.13
C ARG A 344 -30.25 -5.58 -3.44
N ARG A 345 -29.91 -5.21 -2.21
CA ARG A 345 -30.73 -4.28 -1.44
C ARG A 345 -30.70 -2.88 -2.05
N GLU A 346 -29.63 -2.59 -2.78
CA GLU A 346 -29.47 -1.28 -3.40
C GLU A 346 -30.50 -1.07 -4.51
N CYS A 347 -31.09 -2.16 -4.98
CA CYS A 347 -32.14 -2.09 -5.99
C CYS A 347 -33.48 -1.78 -5.34
N ALA A 348 -33.79 -2.47 -4.24
CA ALA A 348 -35.03 -2.27 -3.52
C ALA A 348 -35.05 -0.91 -2.83
N GLU B 4 -25.30 -15.42 7.58
CA GLU B 4 -25.55 -16.11 6.33
C GLU B 4 -24.65 -15.57 5.22
N PHE B 5 -24.15 -14.36 5.41
CA PHE B 5 -23.43 -13.67 4.35
C PHE B 5 -21.91 -13.72 4.51
N THR B 6 -21.44 -14.53 5.45
CA THR B 6 -20.00 -14.78 5.60
C THR B 6 -19.73 -16.27 5.76
N PRO B 7 -19.82 -17.02 4.65
CA PRO B 7 -19.63 -18.47 4.71
C PRO B 7 -18.18 -18.87 4.94
N SER B 8 -17.98 -19.88 5.78
CA SER B 8 -16.67 -20.45 6.03
C SER B 8 -16.11 -21.11 4.77
N VAL B 9 -14.79 -21.03 4.60
CA VAL B 9 -14.13 -21.67 3.47
C VAL B 9 -14.48 -23.17 3.41
N TYR B 10 -14.61 -23.79 4.57
CA TYR B 10 -14.90 -25.21 4.65
C TYR B 10 -16.32 -25.55 4.19
N SER B 11 -17.22 -24.58 4.22
CA SER B 11 -18.60 -24.79 3.81
C SER B 11 -18.79 -24.62 2.31
N LEU B 12 -17.75 -24.12 1.64
CA LEU B 12 -17.84 -23.83 0.22
C LEU B 12 -17.06 -24.84 -0.63
N VAL B 13 -17.39 -24.88 -1.92
CA VAL B 13 -16.67 -25.75 -2.85
C VAL B 13 -15.33 -25.12 -3.24
N SER B 14 -14.26 -25.88 -3.06
CA SER B 14 -12.93 -25.43 -3.47
C SER B 14 -12.59 -25.98 -4.84
N LYS B 15 -12.55 -25.11 -5.84
CA LYS B 15 -12.17 -25.49 -7.19
C LYS B 15 -11.09 -24.56 -7.73
N PRO B 16 -10.18 -25.09 -8.55
CA PRO B 16 -9.11 -24.29 -9.15
C PRO B 16 -9.70 -23.21 -10.04
N LEU B 17 -8.96 -22.11 -10.22
CA LEU B 17 -9.35 -21.12 -11.22
C LEU B 17 -9.34 -21.81 -12.58
N PRO B 18 -10.48 -21.80 -13.28
CA PRO B 18 -10.61 -22.47 -14.57
C PRO B 18 -9.57 -21.99 -15.58
N SER B 19 -9.09 -22.89 -16.43
CA SER B 19 -8.03 -22.55 -17.38
C SER B 19 -8.57 -22.00 -18.68
N ASN B 20 -9.80 -22.40 -19.04
CA ASN B 20 -10.38 -22.04 -20.33
C ASN B 20 -9.55 -22.59 -21.47
N SER B 21 -8.73 -23.60 -21.17
CA SER B 21 -7.88 -24.25 -22.16
C SER B 21 -6.79 -23.31 -22.69
N ARG B 22 -6.51 -22.24 -21.96
CA ARG B 22 -5.41 -21.35 -22.31
C ARG B 22 -4.47 -21.14 -21.13
N PRO B 23 -3.37 -21.91 -21.08
CA PRO B 23 -2.41 -21.82 -19.99
C PRO B 23 -1.48 -20.62 -20.15
N SER B 24 -0.98 -20.11 -19.04
CA SER B 24 -0.05 -18.99 -19.05
C SER B 24 0.80 -19.01 -17.79
N ALA B 25 1.79 -18.13 -17.72
CA ALA B 25 2.65 -18.05 -16.55
C ALA B 25 1.82 -17.78 -15.30
N THR B 26 0.86 -16.87 -15.43
CA THR B 26 -0.01 -16.52 -14.32
C THR B 26 -0.74 -17.74 -13.76
N LEU B 27 -1.41 -18.46 -14.64
CA LEU B 27 -2.21 -19.62 -14.22
C LEU B 27 -1.34 -20.67 -13.55
N ASP B 28 -0.15 -20.91 -14.12
CA ASP B 28 0.79 -21.86 -13.53
C ASP B 28 1.08 -21.52 -12.08
N GLU B 29 1.38 -20.26 -11.82
CA GLU B 29 1.65 -19.82 -10.45
C GLU B 29 0.42 -19.92 -9.57
N GLN B 30 -0.72 -19.50 -10.11
CA GLN B 30 -1.97 -19.55 -9.36
C GLN B 30 -2.31 -20.98 -8.94
N ALA B 31 -2.19 -21.92 -9.87
CA ALA B 31 -2.51 -23.32 -9.60
C ALA B 31 -1.58 -23.88 -8.52
N GLU B 32 -0.31 -23.49 -8.58
CA GLU B 32 0.67 -23.96 -7.62
C GLU B 32 0.34 -23.45 -6.22
N THR B 33 -0.05 -22.18 -6.13
CA THR B 33 -0.40 -21.57 -4.86
C THR B 33 -1.71 -22.14 -4.31
N GLU B 34 -2.66 -22.40 -5.21
CA GLU B 34 -3.93 -23.00 -4.82
C GLU B 34 -3.73 -24.35 -4.13
N ASP B 35 -2.91 -25.20 -4.74
CA ASP B 35 -2.61 -26.51 -4.16
C ASP B 35 -1.98 -26.36 -2.78
N LEU B 36 -1.05 -25.42 -2.66
CA LEU B 36 -0.32 -25.21 -1.42
C LEU B 36 -1.24 -24.83 -0.27
N ILE B 37 -2.19 -23.94 -0.55
CA ILE B 37 -3.13 -23.47 0.46
C ILE B 37 -4.21 -24.51 0.75
N SER B 38 -4.68 -25.18 -0.30
CA SER B 38 -5.72 -26.20 -0.16
C SER B 38 -5.26 -27.36 0.72
N GLN B 39 -4.06 -27.85 0.46
CA GLN B 39 -3.51 -28.95 1.24
C GLN B 39 -3.47 -28.60 2.71
N LEU B 40 -3.07 -27.37 3.02
CA LEU B 40 -3.00 -26.93 4.41
C LEU B 40 -4.38 -26.93 5.06
N PHE B 41 -5.38 -26.41 4.34
CA PHE B 41 -6.75 -26.42 4.84
C PHE B 41 -7.25 -27.84 5.04
N ASP B 42 -6.82 -28.74 4.16
CA ASP B 42 -7.24 -30.14 4.24
C ASP B 42 -6.60 -30.86 5.42
N LEU B 43 -5.42 -30.38 5.82
CA LEU B 43 -4.69 -30.96 6.94
C LEU B 43 -5.12 -30.36 8.27
N THR B 44 -5.87 -29.27 8.20
CA THR B 44 -6.22 -28.51 9.41
C THR B 44 -7.68 -28.68 9.77
N ALA B 45 -7.95 -28.75 11.07
CA ALA B 45 -9.31 -28.86 11.57
C ALA B 45 -10.09 -27.57 11.33
N ASP B 46 -11.30 -27.69 10.81
CA ASP B 46 -12.18 -26.55 10.62
C ASP B 46 -12.34 -25.81 11.95
N PRO B 47 -11.95 -24.52 11.99
CA PRO B 47 -11.98 -23.73 13.22
C PRO B 47 -13.40 -23.60 13.79
N ASN B 48 -14.40 -23.79 12.96
CA ASN B 48 -15.79 -23.58 13.38
C ASN B 48 -16.45 -24.82 13.98
N ALA B 49 -15.82 -25.98 13.81
CA ALA B 49 -16.44 -27.24 14.23
C ALA B 49 -16.20 -27.57 15.71
N LEU B 50 -17.07 -28.41 16.27
CA LEU B 50 -16.93 -28.87 17.65
C LEU B 50 -16.01 -30.08 17.73
N GLU B 53 -11.73 -35.99 12.73
CA GLU B 53 -11.11 -34.78 13.23
C GLU B 53 -9.80 -35.07 13.97
N HIS B 54 -9.68 -36.30 14.47
CA HIS B 54 -8.47 -36.70 15.17
C HIS B 54 -7.28 -36.75 14.21
N GLY B 55 -6.19 -36.11 14.60
CA GLY B 55 -5.01 -36.03 13.75
C GLY B 55 -4.88 -34.70 13.06
N LYS B 56 -6.01 -34.04 12.84
CA LYS B 56 -6.01 -32.72 12.21
C LYS B 56 -5.18 -31.73 13.01
N ARG B 57 -4.61 -30.74 12.33
CA ARG B 57 -3.86 -29.69 13.01
C ARG B 57 -4.83 -28.67 13.59
N TYR B 58 -4.57 -28.22 14.81
CA TYR B 58 -5.41 -27.22 15.46
C TYR B 58 -5.05 -25.83 14.96
N SER B 59 -6.06 -25.00 14.69
CA SER B 59 -5.85 -23.72 14.04
C SER B 59 -5.94 -22.54 15.00
N GLY B 60 -6.00 -22.81 16.29
CA GLY B 60 -6.06 -21.75 17.28
C GLY B 60 -4.91 -20.77 17.11
N LEU B 61 -5.17 -19.50 17.37
CA LEU B 61 -4.12 -18.48 17.28
C LEU B 61 -3.03 -18.77 18.31
N ARG B 62 -1.82 -19.02 17.84
CA ARG B 62 -0.72 -19.38 18.72
C ARG B 62 0.01 -18.13 19.23
N LYS B 63 -0.67 -17.39 20.11
CA LYS B 63 -0.24 -16.06 20.53
C LYS B 63 1.11 -16.05 21.23
N GLN B 64 1.39 -17.10 22.00
CA GLN B 64 2.65 -17.17 22.73
C GLN B 64 3.82 -17.44 21.79
N GLU B 65 3.59 -18.26 20.77
CA GLU B 65 4.62 -18.49 19.75
C GLU B 65 4.93 -17.20 19.00
N HIS B 66 3.89 -16.42 18.71
CA HIS B 66 4.06 -15.17 17.98
C HIS B 66 4.76 -14.13 18.85
N THR B 67 4.48 -14.17 20.15
CA THR B 67 5.15 -13.30 21.11
C THR B 67 6.64 -13.59 21.15
N GLN B 68 7.00 -14.87 21.19
CA GLN B 68 8.40 -15.28 21.20
C GLN B 68 9.12 -14.92 19.90
N PHE B 69 8.42 -15.08 18.79
CA PHE B 69 8.96 -14.71 17.49
C PHE B 69 9.37 -13.23 17.48
N LEU B 70 8.51 -12.38 18.03
CA LEU B 70 8.77 -10.95 18.09
C LEU B 70 9.85 -10.62 19.11
N ALA B 71 9.86 -11.34 20.21
CA ALA B 71 10.84 -11.11 21.27
C ALA B 71 12.24 -11.47 20.81
N SER B 72 12.35 -12.51 19.98
CA SER B 72 13.62 -13.03 19.53
C SER B 72 14.38 -12.06 18.62
N SER B 73 13.65 -11.11 18.04
CA SER B 73 14.24 -10.17 17.09
C SER B 73 14.18 -8.74 17.61
N PHE B 74 13.55 -8.57 18.76
CA PHE B 74 13.30 -7.23 19.30
C PHE B 74 14.54 -6.59 19.89
N PHE B 75 15.44 -7.42 20.43
CA PHE B 75 16.62 -6.93 21.14
C PHE B 75 17.93 -7.19 20.40
N GLN B 76 17.86 -7.89 19.28
CA GLN B 76 19.05 -8.14 18.46
C GLN B 76 18.72 -8.82 17.14
N LEU B 77 19.25 -8.27 16.05
CA LEU B 77 19.03 -8.81 14.71
C LEU B 77 20.37 -9.15 14.06
N PRO B 78 20.42 -10.27 13.33
CA PRO B 78 21.63 -10.68 12.60
C PRO B 78 22.02 -9.67 11.52
N GLY B 79 23.25 -9.75 11.06
CA GLY B 79 23.78 -8.81 10.07
C GLY B 79 23.01 -8.77 8.77
N LYS B 80 22.33 -9.86 8.45
CA LYS B 80 21.54 -9.94 7.22
C LYS B 80 20.42 -8.90 7.19
N PHE B 81 19.97 -8.48 8.37
CA PHE B 81 18.89 -7.50 8.46
C PHE B 81 19.34 -6.10 8.03
N VAL B 82 20.60 -5.99 7.60
CA VAL B 82 21.12 -4.71 7.14
C VAL B 82 20.30 -4.20 5.96
N SER B 83 19.61 -5.12 5.29
CA SER B 83 18.73 -4.75 4.17
C SER B 83 17.54 -3.94 4.67
N LEU B 84 17.34 -3.92 5.98
CA LEU B 84 16.26 -3.14 6.58
C LEU B 84 16.82 -2.07 7.52
N ASP B 85 18.10 -1.77 7.39
CA ASP B 85 18.75 -0.78 8.24
C ASP B 85 18.05 0.58 8.14
N ALA B 86 17.51 0.88 6.97
CA ALA B 86 16.83 2.15 6.75
C ALA B 86 15.35 2.08 7.14
N SER B 87 14.94 0.96 7.73
CA SER B 87 13.54 0.78 8.11
C SER B 87 13.37 0.29 9.55
N ARG B 88 14.32 0.62 10.41
CA ARG B 88 14.24 0.17 11.80
C ARG B 88 13.03 0.73 12.56
N PRO B 89 12.59 1.94 12.24
CA PRO B 89 11.33 2.40 12.85
C PRO B 89 10.16 1.49 12.49
N TRP B 90 10.19 0.88 11.29
CA TRP B 90 9.17 -0.09 10.90
C TRP B 90 9.30 -1.38 11.71
N LEU B 91 10.54 -1.78 12.00
CA LEU B 91 10.76 -2.96 12.82
C LEU B 91 10.21 -2.73 14.22
N VAL B 92 10.32 -1.50 14.69
CA VAL B 92 9.75 -1.14 15.98
C VAL B 92 8.23 -1.20 15.91
N PHE B 93 7.66 -0.55 14.88
CA PHE B 93 6.22 -0.50 14.74
C PHE B 93 5.59 -1.88 14.61
N TRP B 94 6.13 -2.68 13.69
CA TRP B 94 5.60 -4.02 13.46
C TRP B 94 5.56 -4.82 14.76
N THR B 95 6.57 -4.62 15.60
CA THR B 95 6.68 -5.36 16.86
C THR B 95 5.73 -4.85 17.94
N VAL B 96 5.79 -3.55 18.23
CA VAL B 96 4.99 -2.99 19.31
C VAL B 96 3.50 -2.95 18.99
N HIS B 97 3.16 -2.80 17.72
CA HIS B 97 1.77 -2.85 17.32
C HIS B 97 1.23 -4.29 17.43
N SER B 98 2.02 -5.25 16.96
CA SER B 98 1.65 -6.66 17.07
C SER B 98 1.43 -7.06 18.52
N LEU B 99 2.34 -6.63 19.40
CA LEU B 99 2.22 -6.93 20.82
C LEU B 99 0.94 -6.34 21.38
N ASP B 100 0.59 -5.14 20.95
CA ASP B 100 -0.67 -4.51 21.36
C ASP B 100 -1.85 -5.37 20.93
N LEU B 101 -1.84 -5.78 19.67
CA LEU B 101 -2.91 -6.61 19.14
C LEU B 101 -3.00 -7.93 19.90
N LEU B 102 -1.84 -8.48 20.26
CA LEU B 102 -1.78 -9.77 20.94
C LEU B 102 -2.12 -9.66 22.42
N GLY B 103 -2.22 -8.43 22.91
CA GLY B 103 -2.56 -8.19 24.31
C GLY B 103 -1.38 -8.41 25.24
N VAL B 104 -0.17 -8.23 24.73
CA VAL B 104 1.04 -8.42 25.53
C VAL B 104 1.66 -7.09 25.90
N ALA B 105 1.72 -6.81 27.20
CA ALA B 105 2.26 -5.54 27.68
C ALA B 105 3.79 -5.53 27.77
N LEU B 106 4.40 -4.43 27.35
CA LEU B 106 5.82 -4.18 27.59
C LEU B 106 5.97 -3.48 28.93
N ASP B 107 6.98 -3.86 29.71
CA ASP B 107 7.22 -3.16 30.97
C ASP B 107 7.78 -1.76 30.68
N GLN B 108 7.70 -0.89 31.68
CA GLN B 108 8.06 0.51 31.49
C GLN B 108 9.51 0.68 31.03
N GLY B 109 10.39 -0.17 31.54
CA GLY B 109 11.79 -0.12 31.17
C GLY B 109 12.00 -0.34 29.68
N THR B 110 11.26 -1.29 29.12
CA THR B 110 11.39 -1.61 27.71
C THR B 110 10.77 -0.53 26.84
N LYS B 111 9.65 0.02 27.29
CA LYS B 111 9.02 1.13 26.60
C LYS B 111 9.98 2.32 26.54
N ASP B 112 10.66 2.59 27.64
CA ASP B 112 11.63 3.68 27.69
C ASP B 112 12.72 3.46 26.65
N ARG B 113 13.16 2.22 26.51
CA ARG B 113 14.16 1.89 25.50
C ARG B 113 13.62 2.18 24.10
N VAL B 114 12.35 1.83 23.88
CA VAL B 114 11.73 2.11 22.60
C VAL B 114 11.70 3.61 22.33
N VAL B 115 11.28 4.38 23.32
CA VAL B 115 11.23 5.84 23.18
C VAL B 115 12.61 6.40 22.90
N SER B 116 13.60 5.98 23.69
CA SER B 116 14.97 6.46 23.50
C SER B 116 15.46 6.19 22.08
N THR B 117 15.22 4.98 21.59
CA THR B 117 15.68 4.58 20.27
C THR B 117 15.09 5.49 19.19
N LEU B 118 13.78 5.69 19.24
CA LEU B 118 13.09 6.50 18.25
C LEU B 118 13.48 7.97 18.31
N LEU B 119 13.62 8.51 19.51
CA LEU B 119 13.98 9.92 19.66
C LEU B 119 15.36 10.23 19.07
N HIS B 120 16.22 9.21 19.00
CA HIS B 120 17.53 9.41 18.39
C HIS B 120 17.44 9.44 16.87
N PHE B 121 16.28 9.03 16.34
CA PHE B 121 16.03 9.08 14.90
C PHE B 121 15.49 10.43 14.48
N LEU B 122 15.20 11.28 15.45
CA LEU B 122 14.57 12.58 15.19
C LEU B 122 15.63 13.65 14.89
N SER B 123 15.51 14.26 13.72
CA SER B 123 16.40 15.35 13.35
C SER B 123 15.85 16.69 13.83
N PRO B 124 16.72 17.54 14.36
CA PRO B 124 16.33 18.90 14.76
C PRO B 124 15.72 19.65 13.59
N LYS B 125 16.17 19.34 12.39
CA LYS B 125 15.66 19.97 11.17
C LYS B 125 14.20 19.60 10.92
N GLY B 126 13.78 18.46 11.47
CA GLY B 126 12.40 18.02 11.35
C GLY B 126 12.24 16.64 10.75
N GLY B 127 11.48 15.78 11.43
CA GLY B 127 11.18 14.46 10.92
C GLY B 127 12.11 13.36 11.41
N PHE B 128 11.62 12.12 11.36
CA PHE B 128 12.41 10.96 11.75
C PHE B 128 13.02 10.29 10.51
N GLY B 129 14.20 9.69 10.70
CA GLY B 129 14.80 8.89 9.66
C GLY B 129 14.75 7.41 10.01
N GLY B 130 15.22 6.56 9.11
CA GLY B 130 15.21 5.12 9.33
C GLY B 130 16.30 4.69 10.29
N GLY B 131 17.03 5.65 10.83
CA GLY B 131 18.07 5.40 11.80
C GLY B 131 18.43 6.69 12.51
N PRO B 132 19.49 6.67 13.33
CA PRO B 132 19.96 7.85 14.05
C PRO B 132 20.16 9.05 13.13
N ALA B 133 19.89 10.25 13.65
CA ALA B 133 19.97 11.47 12.86
C ALA B 133 21.36 11.74 12.29
N ASN B 134 22.38 11.19 12.93
CA ASN B 134 23.74 11.38 12.45
C ASN B 134 24.11 10.37 11.37
N SER B 135 23.12 9.56 10.97
CA SER B 135 23.35 8.49 10.00
C SER B 135 22.40 8.55 8.81
N GLN B 136 21.16 8.95 9.05
CA GLN B 136 20.15 8.97 7.99
C GLN B 136 19.35 10.28 8.01
N ILE B 137 18.92 10.72 6.84
CA ILE B 137 18.08 11.92 6.73
C ILE B 137 16.61 11.57 6.96
N PRO B 138 15.80 12.57 7.35
CA PRO B 138 14.36 12.36 7.58
C PRO B 138 13.63 11.79 6.38
N HIS B 139 12.60 10.98 6.63
CA HIS B 139 11.83 10.31 5.59
C HIS B 139 10.40 10.18 6.07
N LEU B 140 9.43 10.35 5.18
CA LEU B 140 8.02 10.35 5.56
C LEU B 140 7.56 9.04 6.19
N LEU B 141 8.12 7.92 5.72
CA LEU B 141 7.68 6.62 6.19
C LEU B 141 8.17 6.30 7.61
N PRO B 142 9.48 6.44 7.86
CA PRO B 142 9.98 6.33 9.24
C PRO B 142 9.28 7.31 10.18
N THR B 143 8.89 8.48 9.68
CA THR B 143 8.19 9.46 10.51
C THR B 143 6.82 8.93 10.96
N TYR B 144 6.08 8.31 10.04
CA TYR B 144 4.83 7.68 10.41
C TYR B 144 5.07 6.56 11.42
N ALA B 145 5.99 5.67 11.08
CA ALA B 145 6.29 4.51 11.91
C ALA B 145 6.77 4.91 13.31
N SER B 146 7.59 5.95 13.38
CA SER B 146 8.11 6.42 14.66
C SER B 146 7.01 7.05 15.50
N VAL B 147 6.21 7.91 14.87
CA VAL B 147 5.11 8.57 15.56
C VAL B 147 4.10 7.57 16.14
N CYS B 148 3.71 6.59 15.33
CA CYS B 148 2.78 5.58 15.79
C CYS B 148 3.38 4.72 16.90
N SER B 149 4.65 4.39 16.77
CA SER B 149 5.34 3.61 17.79
C SER B 149 5.39 4.38 19.11
N LEU B 150 5.58 5.68 19.02
CA LEU B 150 5.59 6.54 20.20
C LEU B 150 4.20 6.60 20.84
N ALA B 151 3.17 6.57 20.01
CA ALA B 151 1.80 6.54 20.51
C ALA B 151 1.55 5.24 21.27
N ILE B 152 2.23 4.17 20.84
CA ILE B 152 2.03 2.86 21.45
C ILE B 152 2.87 2.66 22.71
N ALA B 153 4.13 3.11 22.67
CA ALA B 153 5.06 2.82 23.75
C ALA B 153 5.40 4.02 24.64
N GLY B 154 5.02 5.21 24.19
CA GLY B 154 5.38 6.43 24.89
C GLY B 154 4.35 6.91 25.89
N ASN B 155 4.63 8.05 26.53
CA ASN B 155 3.73 8.64 27.51
C ASN B 155 4.03 10.13 27.72
N ASP B 156 3.31 10.77 28.63
CA ASP B 156 3.44 12.22 28.81
C ASP B 156 4.47 12.63 29.86
N SER B 157 5.27 11.69 30.35
CA SER B 157 6.33 12.02 31.29
C SER B 157 7.52 12.57 30.53
N SER B 158 8.49 13.12 31.26
CA SER B 158 9.66 13.73 30.64
C SER B 158 10.48 12.73 29.82
N THR B 159 10.33 11.45 30.13
CA THR B 159 11.02 10.41 29.38
C THR B 159 10.06 9.64 28.48
N GLY B 160 8.88 10.19 28.27
CA GLY B 160 7.84 9.52 27.52
C GLY B 160 7.80 9.81 26.03
N GLY B 161 8.60 10.79 25.60
CA GLY B 161 8.74 11.09 24.19
C GLY B 161 7.69 12.01 23.58
N TRP B 162 6.47 11.99 24.12
CA TRP B 162 5.41 12.84 23.59
C TRP B 162 5.80 14.32 23.68
N LYS B 163 6.45 14.69 24.79
CA LYS B 163 6.95 16.03 25.00
C LYS B 163 7.86 16.45 23.85
N ASP B 164 8.71 15.52 23.42
CA ASP B 164 9.66 15.77 22.34
C ASP B 164 8.94 16.00 21.01
N LEU B 165 7.90 15.23 20.76
CA LEU B 165 7.09 15.41 19.56
C LEU B 165 6.45 16.80 19.55
N ALA B 166 5.88 17.18 20.69
CA ALA B 166 5.23 18.48 20.82
C ALA B 166 6.18 19.61 20.43
N ALA B 167 7.40 19.54 20.96
CA ALA B 167 8.40 20.57 20.70
C ALA B 167 8.86 20.55 19.25
N ALA B 168 8.74 19.39 18.61
CA ALA B 168 9.23 19.21 17.25
C ALA B 168 8.16 19.50 16.19
N ARG B 169 6.98 19.93 16.63
CA ARG B 169 5.86 20.16 15.72
C ARG B 169 6.18 21.12 14.58
N GLN B 170 6.82 22.24 14.89
CA GLN B 170 7.13 23.25 13.87
C GLN B 170 8.14 22.73 12.85
N SER B 171 9.17 22.03 13.34
CA SER B 171 10.22 21.52 12.47
C SER B 171 9.72 20.34 11.61
N ILE B 172 8.86 19.50 12.19
CA ILE B 172 8.25 18.42 11.46
C ILE B 172 7.37 18.98 10.34
N TYR B 173 6.68 20.08 10.65
CA TYR B 173 5.84 20.76 9.67
C TYR B 173 6.69 21.30 8.51
N GLU B 174 7.79 21.94 8.85
CA GLU B 174 8.69 22.51 7.85
C GLU B 174 9.29 21.42 6.96
N PHE B 175 9.55 20.25 7.55
CA PHE B 175 10.02 19.10 6.78
C PHE B 175 8.94 18.67 5.78
N PHE B 176 7.69 18.62 6.24
CA PHE B 176 6.57 18.29 5.38
C PHE B 176 6.47 19.26 4.21
N MET B 177 6.64 20.55 4.49
CA MET B 177 6.52 21.57 3.45
C MET B 177 7.67 21.49 2.45
N ARG B 178 8.85 21.09 2.91
CA ARG B 178 9.99 20.90 2.02
C ARG B 178 9.73 19.73 1.07
N CYS B 179 8.95 18.75 1.53
CA CYS B 179 8.63 17.58 0.72
C CYS B 179 7.54 17.87 -0.30
N LYS B 180 6.81 18.95 -0.08
CA LYS B 180 5.62 19.23 -0.88
C LYS B 180 5.93 19.64 -2.31
N ARG B 181 5.23 19.01 -3.26
CA ARG B 181 5.31 19.36 -4.67
C ARG B 181 4.05 20.11 -5.08
N PRO B 182 4.18 21.01 -6.07
CA PRO B 182 3.06 21.85 -6.54
C PRO B 182 1.88 21.03 -7.05
N ASP B 183 2.15 19.86 -7.62
CA ASP B 183 1.10 19.03 -8.20
C ASP B 183 0.24 18.35 -7.14
N GLY B 184 0.69 18.37 -5.89
CA GLY B 184 -0.07 17.78 -4.80
C GLY B 184 0.59 16.56 -4.19
N GLY B 185 1.67 16.09 -4.80
CA GLY B 185 2.42 14.98 -4.25
C GLY B 185 3.48 15.42 -3.26
N PHE B 186 4.06 14.47 -2.55
CA PHE B 186 5.17 14.73 -1.63
C PHE B 186 6.33 13.79 -1.95
N VAL B 187 7.55 14.30 -1.88
CA VAL B 187 8.71 13.41 -1.93
C VAL B 187 8.84 12.73 -0.57
N VAL B 188 9.21 11.45 -0.57
CA VAL B 188 9.34 10.72 0.68
C VAL B 188 10.50 11.25 1.51
N CYS B 189 11.48 11.82 0.82
CA CYS B 189 12.63 12.44 1.47
C CYS B 189 13.29 13.37 0.47
N GLU B 190 14.29 14.14 0.91
CA GLU B 190 14.99 15.03 0.00
C GLU B 190 15.41 14.26 -1.24
N GLY B 191 15.00 14.76 -2.40
CA GLY B 191 15.32 14.10 -3.67
C GLY B 191 14.70 12.72 -3.82
N GLY B 192 13.71 12.42 -3.02
CA GLY B 192 13.12 11.09 -3.00
C GLY B 192 11.95 10.89 -3.95
N GLU B 193 11.39 9.69 -3.96
CA GLU B 193 10.30 9.37 -4.87
C GLU B 193 8.97 9.96 -4.40
N VAL B 194 8.03 10.07 -5.33
CA VAL B 194 6.73 10.67 -5.05
C VAL B 194 5.59 9.70 -5.30
N ASP B 195 4.92 9.25 -4.24
CA ASP B 195 3.75 8.40 -4.37
C ASP B 195 2.84 8.53 -3.15
N VAL B 196 1.72 7.81 -3.18
CA VAL B 196 0.70 7.97 -2.13
C VAL B 196 1.13 7.44 -0.76
N ARG B 197 2.19 6.64 -0.71
CA ARG B 197 2.74 6.20 0.58
C ARG B 197 3.14 7.44 1.37
N GLY B 198 3.77 8.38 0.69
CA GLY B 198 4.20 9.63 1.32
C GLY B 198 3.02 10.44 1.82
N THR B 199 2.02 10.61 0.95
CA THR B 199 0.81 11.36 1.32
C THR B 199 0.16 10.75 2.56
N TYR B 200 -0.02 9.44 2.55
CA TYR B 200 -0.68 8.78 3.67
C TYR B 200 0.06 8.99 4.99
N CYS B 201 1.37 8.73 4.98
CA CYS B 201 2.18 8.85 6.19
C CYS B 201 2.21 10.28 6.72
N LEU B 202 2.33 11.25 5.82
CA LEU B 202 2.34 12.65 6.17
C LEU B 202 1.00 13.09 6.79
N LEU B 203 -0.10 12.70 6.13
CA LEU B 203 -1.43 13.10 6.60
C LEU B 203 -1.77 12.52 7.96
N VAL B 204 -1.37 11.28 8.22
CA VAL B 204 -1.59 10.68 9.52
C VAL B 204 -0.89 11.49 10.60
N VAL B 205 0.41 11.71 10.41
CA VAL B 205 1.21 12.46 11.39
C VAL B 205 0.69 13.89 11.58
N ALA B 206 0.41 14.58 10.47
CA ALA B 206 -0.08 15.96 10.54
C ALA B 206 -1.41 16.04 11.28
N THR B 207 -2.25 15.03 11.09
CA THR B 207 -3.53 14.95 11.78
C THR B 207 -3.33 14.74 13.27
N LEU B 208 -2.49 13.77 13.63
CA LEU B 208 -2.25 13.42 15.02
C LEU B 208 -1.59 14.54 15.82
N LEU B 209 -0.76 15.35 15.16
CA LEU B 209 0.04 16.35 15.87
C LEU B 209 -0.52 17.77 15.75
N ASP B 210 -1.68 17.92 15.12
CA ASP B 210 -2.29 19.23 14.93
C ASP B 210 -1.34 20.20 14.22
N ILE B 211 -0.94 19.84 13.01
CA ILE B 211 -0.08 20.71 12.20
C ILE B 211 -0.56 20.78 10.76
N ILE B 212 -1.88 20.69 10.58
CA ILE B 212 -2.49 20.78 9.26
C ILE B 212 -2.82 22.23 8.93
N THR B 213 -2.43 22.66 7.73
CA THR B 213 -2.75 24.00 7.26
C THR B 213 -3.17 23.93 5.80
N PRO B 214 -3.84 24.97 5.29
CA PRO B 214 -4.28 24.99 3.89
C PRO B 214 -3.12 24.81 2.91
N GLU B 215 -1.98 25.45 3.17
CA GLU B 215 -0.85 25.38 2.24
C GLU B 215 -0.29 23.96 2.17
N LEU B 216 -0.43 23.21 3.25
CA LEU B 216 0.05 21.83 3.29
C LEU B 216 -0.78 20.92 2.39
N LEU B 217 -2.07 21.23 2.27
CA LEU B 217 -3.02 20.34 1.62
C LEU B 217 -3.30 20.65 0.15
N HIS B 218 -2.85 21.81 -0.33
CA HIS B 218 -3.18 22.25 -1.67
C HIS B 218 -2.81 21.21 -2.74
N ASN B 219 -3.81 20.80 -3.52
CA ASN B 219 -3.64 19.83 -4.61
C ASN B 219 -3.44 18.39 -4.14
N VAL B 220 -3.27 18.20 -2.83
CA VAL B 220 -3.07 16.88 -2.28
C VAL B 220 -4.24 15.95 -2.64
N ASP B 221 -5.45 16.49 -2.61
CA ASP B 221 -6.65 15.73 -2.92
C ASP B 221 -6.71 15.34 -4.39
N LYS B 222 -6.29 16.27 -5.26
CA LYS B 222 -6.30 16.03 -6.70
C LYS B 222 -5.30 14.95 -7.09
N PHE B 223 -4.13 14.97 -6.46
CA PHE B 223 -3.11 13.96 -6.73
C PHE B 223 -3.62 12.56 -6.37
N VAL B 224 -4.33 12.48 -5.26
CA VAL B 224 -4.86 11.20 -4.79
C VAL B 224 -5.99 10.69 -5.69
N SER B 225 -6.97 11.55 -5.95
CA SER B 225 -8.09 11.20 -6.82
C SER B 225 -7.60 10.64 -8.15
N ALA B 226 -6.62 11.31 -8.73
CA ALA B 226 -6.11 10.93 -10.05
C ALA B 226 -5.38 9.58 -10.05
N CYS B 227 -5.14 9.03 -8.86
CA CYS B 227 -4.48 7.73 -8.77
C CYS B 227 -5.45 6.57 -8.99
N GLN B 228 -6.75 6.85 -8.90
CA GLN B 228 -7.75 5.80 -9.09
C GLN B 228 -7.77 5.33 -10.53
N THR B 229 -7.66 4.03 -10.74
CA THR B 229 -7.60 3.45 -12.07
C THR B 229 -8.95 2.92 -12.51
N TYR B 230 -9.04 2.49 -13.76
CA TYR B 230 -10.28 1.98 -14.33
C TYR B 230 -10.79 0.76 -13.57
N GLU B 231 -9.90 0.14 -12.79
CA GLU B 231 -10.27 -1.05 -12.02
C GLU B 231 -11.04 -0.71 -10.74
N GLY B 232 -10.85 0.50 -10.23
CA GLY B 232 -11.53 0.92 -9.02
C GLY B 232 -10.57 1.20 -7.87
N GLY B 233 -9.41 0.55 -7.90
CA GLY B 233 -8.39 0.76 -6.88
C GLY B 233 -7.46 1.89 -7.28
N PHE B 234 -6.41 2.11 -6.49
CA PHE B 234 -5.51 3.22 -6.74
C PHE B 234 -4.08 2.78 -7.06
N ALA B 235 -3.46 3.47 -8.00
CA ALA B 235 -2.05 3.27 -8.32
C ALA B 235 -1.18 4.06 -7.36
N CYS B 236 0.13 3.89 -7.47
CA CYS B 236 1.08 4.58 -6.61
C CYS B 236 1.05 6.11 -6.77
N ALA B 237 0.90 6.57 -8.01
CA ALA B 237 0.99 8.00 -8.28
C ALA B 237 0.19 8.40 -9.52
N SER B 238 0.11 9.71 -9.75
CA SER B 238 -0.53 10.24 -10.95
C SER B 238 0.40 11.28 -11.60
N PHE B 239 0.29 11.41 -12.91
CA PHE B 239 1.13 12.35 -13.67
C PHE B 239 0.28 13.52 -14.19
N PRO B 240 0.75 14.75 -13.93
CA PRO B 240 0.05 15.96 -14.39
C PRO B 240 0.53 16.40 -15.76
N PHE B 241 -0.33 16.28 -16.78
CA PHE B 241 0.04 16.72 -18.12
C PHE B 241 -0.22 18.22 -18.30
N PRO B 242 0.76 18.90 -18.88
CA PRO B 242 0.69 20.34 -19.10
C PRO B 242 -0.58 20.72 -19.86
N CYS B 258 -4.61 17.59 -17.48
CA CYS B 258 -5.24 16.40 -16.90
C CYS B 258 -4.23 15.57 -16.12
N ARG B 259 -4.73 14.79 -15.17
CA ARG B 259 -3.87 13.92 -14.38
C ARG B 259 -4.16 12.46 -14.72
N VAL B 260 -3.11 11.66 -14.82
CA VAL B 260 -3.24 10.26 -15.25
C VAL B 260 -2.58 9.30 -14.27
N SER B 261 -3.25 8.20 -13.97
CA SER B 261 -2.69 7.17 -13.08
C SER B 261 -1.50 6.47 -13.74
N MET B 262 -0.47 6.18 -12.95
CA MET B 262 0.81 5.73 -13.48
C MET B 262 1.04 4.22 -13.40
N ALA B 263 0.07 3.47 -12.90
CA ALA B 263 0.23 2.02 -12.79
C ALA B 263 -1.06 1.32 -12.36
N GLU B 264 -0.96 0.01 -12.10
CA GLU B 264 -2.11 -0.79 -11.67
C GLU B 264 -2.67 -0.34 -10.34
N ALA B 265 -3.96 -0.59 -10.14
CA ALA B 265 -4.54 -0.51 -8.81
C ALA B 265 -3.84 -1.54 -7.94
N HIS B 266 -3.33 -1.10 -6.79
CA HIS B 266 -2.58 -1.96 -5.89
C HIS B 266 -3.09 -1.86 -4.45
N GLY B 267 -3.19 -3.01 -3.78
CA GLY B 267 -3.67 -3.06 -2.41
C GLY B 267 -2.99 -2.06 -1.50
N GLY B 268 -1.67 -2.01 -1.56
CA GLY B 268 -0.91 -1.10 -0.71
C GLY B 268 -1.22 0.36 -0.98
N TYR B 269 -1.22 0.73 -2.26
CA TYR B 269 -1.47 2.09 -2.66
C TYR B 269 -2.95 2.48 -2.58
N THR B 270 -3.81 1.48 -2.71
CA THR B 270 -5.25 1.67 -2.52
C THR B 270 -5.54 2.01 -1.06
N SER B 271 -4.85 1.29 -0.15
CA SER B 271 -4.98 1.56 1.27
C SER B 271 -4.57 3.00 1.58
N CYS B 272 -3.38 3.40 1.12
CA CYS B 272 -2.87 4.74 1.38
C CYS B 272 -3.77 5.82 0.78
N SER B 273 -4.31 5.55 -0.40
CA SER B 273 -5.18 6.49 -1.07
C SER B 273 -6.53 6.65 -0.36
N LEU B 274 -7.17 5.52 -0.06
CA LEU B 274 -8.44 5.54 0.66
C LEU B 274 -8.29 6.24 2.01
N ASN B 275 -7.25 5.87 2.74
CA ASN B 275 -6.99 6.46 4.06
C ASN B 275 -6.67 7.95 3.95
N SER B 276 -5.80 8.30 3.02
CA SER B 276 -5.47 9.69 2.78
C SER B 276 -6.73 10.49 2.49
N HIS B 277 -7.54 9.99 1.56
CA HIS B 277 -8.77 10.68 1.18
C HIS B 277 -9.68 10.86 2.38
N PHE B 278 -9.84 9.80 3.17
CA PHE B 278 -10.72 9.86 4.33
C PHE B 278 -10.25 10.92 5.32
N LEU B 279 -8.94 10.99 5.54
CA LEU B 279 -8.37 11.98 6.44
C LEU B 279 -8.66 13.39 5.94
N LEU B 280 -8.68 13.57 4.63
CA LEU B 280 -8.92 14.87 4.02
C LEU B 280 -10.37 15.32 4.14
N THR B 281 -11.30 14.37 4.21
CA THR B 281 -12.73 14.70 4.24
C THR B 281 -13.12 15.47 5.49
N SER B 282 -12.31 15.41 6.54
CA SER B 282 -12.63 16.13 7.77
C SER B 282 -11.95 17.49 7.83
N VAL B 283 -11.31 17.90 6.73
CA VAL B 283 -10.71 19.22 6.66
C VAL B 283 -11.70 20.18 6.02
N PRO B 284 -12.08 21.24 6.75
CA PRO B 284 -13.13 22.16 6.31
C PRO B 284 -12.61 23.23 5.33
N LEU B 285 -12.14 22.78 4.17
CA LEU B 285 -11.78 23.68 3.09
C LEU B 285 -12.89 23.64 2.03
N PRO B 286 -12.96 24.67 1.18
CA PRO B 286 -14.05 24.73 0.19
C PRO B 286 -13.79 23.83 -1.02
N SER B 287 -14.83 23.12 -1.46
CA SER B 287 -14.72 22.19 -2.57
C SER B 287 -13.54 21.23 -2.36
N PHE B 288 -13.39 20.78 -1.11
CA PHE B 288 -12.27 19.94 -0.73
C PHE B 288 -12.74 18.83 0.20
N PRO B 289 -12.30 17.59 -0.05
CA PRO B 289 -11.37 17.23 -1.12
C PRO B 289 -12.09 16.78 -2.39
N LEU B 290 -11.42 16.88 -3.53
CA LEU B 290 -11.98 16.36 -4.77
C LEU B 290 -12.42 14.93 -4.56
N SER B 291 -13.62 14.60 -5.05
CA SER B 291 -14.21 13.29 -4.79
C SER B 291 -13.43 12.17 -5.47
N ILE B 292 -13.60 10.96 -4.94
CA ILE B 292 -13.15 9.75 -5.62
C ILE B 292 -14.38 8.91 -5.93
N ASP B 293 -14.21 7.86 -6.71
CA ASP B 293 -15.30 6.94 -7.00
C ASP B 293 -15.37 5.87 -5.91
N ALA B 294 -16.16 6.14 -4.88
CA ALA B 294 -16.22 5.26 -3.71
C ALA B 294 -16.71 3.85 -4.04
N ASN B 295 -17.83 3.76 -4.75
CA ASN B 295 -18.39 2.46 -5.13
C ASN B 295 -17.40 1.59 -5.90
N ALA B 296 -16.64 2.21 -6.80
CA ALA B 296 -15.64 1.48 -7.57
C ALA B 296 -14.52 0.98 -6.67
N ALA B 297 -14.14 1.80 -5.69
CA ALA B 297 -13.10 1.42 -4.73
C ALA B 297 -13.56 0.25 -3.88
N LEU B 298 -14.83 0.27 -3.48
CA LEU B 298 -15.40 -0.83 -2.70
C LEU B 298 -15.43 -2.10 -3.53
N ARG B 299 -15.90 -1.99 -4.77
CA ARG B 299 -15.96 -3.13 -5.68
C ARG B 299 -14.58 -3.77 -5.85
N TRP B 300 -13.58 -2.95 -6.16
CA TRP B 300 -12.24 -3.47 -6.34
C TRP B 300 -11.76 -4.14 -5.07
N THR B 301 -12.05 -3.52 -3.94
CA THR B 301 -11.64 -4.06 -2.64
C THR B 301 -12.16 -5.46 -2.42
N VAL B 302 -13.47 -5.64 -2.57
CA VAL B 302 -14.10 -6.93 -2.30
C VAL B 302 -13.75 -7.97 -3.36
N LEU B 303 -13.41 -7.51 -4.55
CA LEU B 303 -13.02 -8.43 -5.62
C LEU B 303 -11.65 -9.04 -5.39
N GLN B 304 -10.86 -8.43 -4.50
CA GLN B 304 -9.52 -8.95 -4.23
C GLN B 304 -9.50 -10.10 -3.21
N GLN B 305 -10.64 -10.36 -2.58
CA GLN B 305 -10.71 -11.49 -1.66
C GLN B 305 -10.68 -12.80 -2.44
N GLY B 306 -9.78 -13.70 -2.06
CA GLY B 306 -9.55 -14.91 -2.82
C GLY B 306 -10.67 -15.92 -2.75
N GLU B 307 -10.70 -16.82 -3.73
CA GLU B 307 -11.66 -17.90 -3.77
C GLU B 307 -11.40 -18.89 -2.63
N PRO B 308 -12.39 -19.74 -2.33
CA PRO B 308 -12.24 -20.69 -1.21
C PRO B 308 -10.97 -21.54 -1.31
N ILE B 309 -10.60 -21.93 -2.53
CA ILE B 309 -9.44 -22.78 -2.73
C ILE B 309 -8.14 -22.09 -2.32
N GLU B 310 -8.15 -20.76 -2.31
CA GLU B 310 -6.99 -19.99 -1.86
C GLU B 310 -7.21 -19.38 -0.47
N GLY B 311 -8.12 -19.97 0.28
CA GLY B 311 -8.27 -19.66 1.69
C GLY B 311 -9.02 -18.40 2.06
N GLY B 312 -9.45 -17.63 1.07
CA GLY B 312 -10.18 -16.40 1.34
C GLY B 312 -9.29 -15.28 1.83
N GLY B 313 -7.98 -15.41 1.63
CA GLY B 313 -7.07 -14.32 1.88
C GLY B 313 -7.16 -13.33 0.73
N PHE B 314 -6.63 -12.13 0.91
CA PHE B 314 -6.67 -11.13 -0.14
C PHE B 314 -5.44 -11.15 -1.03
N ARG B 315 -5.63 -10.79 -2.29
CA ARG B 315 -4.51 -10.54 -3.20
C ARG B 315 -4.34 -9.02 -3.29
N GLY B 316 -3.17 -8.57 -3.75
CA GLY B 316 -2.90 -7.16 -3.82
C GLY B 316 -3.15 -6.56 -5.19
N ARG B 317 -3.18 -7.43 -6.20
CA ARG B 317 -3.43 -7.01 -7.57
C ARG B 317 -4.21 -8.07 -8.33
N THR B 318 -5.03 -7.63 -9.29
CA THR B 318 -5.77 -8.56 -10.13
C THR B 318 -4.84 -9.58 -10.77
N ASN B 319 -5.21 -10.86 -10.68
CA ASN B 319 -4.43 -11.94 -11.29
C ASN B 319 -3.05 -12.17 -10.64
N LYS B 320 -2.89 -11.70 -9.41
CA LYS B 320 -1.69 -12.02 -8.64
C LYS B 320 -2.05 -12.94 -7.48
N LEU B 321 -1.07 -13.27 -6.64
CA LEU B 321 -1.27 -14.25 -5.58
C LEU B 321 -1.75 -13.61 -4.28
N VAL B 322 -2.57 -14.35 -3.53
CA VAL B 322 -3.00 -13.91 -2.22
C VAL B 322 -1.77 -13.77 -1.32
N ASP B 323 -1.80 -12.80 -0.42
CA ASP B 323 -0.69 -12.51 0.49
C ASP B 323 -1.30 -12.05 1.81
N GLY B 324 -0.89 -12.68 2.90
CA GLY B 324 -1.41 -12.36 4.21
C GLY B 324 -1.29 -10.88 4.59
N CYS B 325 -0.34 -10.16 4.01
CA CYS B 325 -0.17 -8.75 4.37
C CYS B 325 -1.30 -7.87 3.82
N TYR B 326 -1.91 -8.28 2.72
CA TYR B 326 -3.01 -7.51 2.14
C TYR B 326 -4.28 -7.63 2.98
N SER B 327 -4.26 -8.51 3.98
CA SER B 327 -5.36 -8.58 4.92
C SER B 327 -5.55 -7.20 5.54
N TRP B 328 -4.45 -6.51 5.82
CA TRP B 328 -4.54 -5.14 6.31
C TRP B 328 -4.70 -4.10 5.20
N TRP B 329 -3.84 -4.17 4.18
CA TRP B 329 -3.87 -3.14 3.14
C TRP B 329 -5.21 -3.12 2.40
N VAL B 330 -5.69 -4.30 2.00
CA VAL B 330 -6.96 -4.39 1.28
C VAL B 330 -8.12 -4.50 2.25
N GLY B 331 -8.05 -5.47 3.16
CA GLY B 331 -9.09 -5.67 4.15
C GLY B 331 -9.34 -4.46 5.02
N GLY B 332 -8.26 -3.78 5.41
CA GLY B 332 -8.35 -2.61 6.26
C GLY B 332 -8.96 -1.41 5.57
N GLY B 333 -8.96 -1.42 4.24
CA GLY B 333 -9.56 -0.35 3.47
C GLY B 333 -11.05 -0.54 3.30
N ALA B 334 -11.53 -1.74 3.58
CA ALA B 334 -12.94 -2.07 3.40
C ALA B 334 -13.89 -1.17 4.20
N PRO B 335 -13.65 -1.02 5.51
CA PRO B 335 -14.56 -0.16 6.27
C PRO B 335 -14.47 1.31 5.86
N VAL B 336 -13.34 1.70 5.28
CA VAL B 336 -13.18 3.06 4.80
C VAL B 336 -13.98 3.30 3.52
N ALA B 337 -13.78 2.41 2.55
CA ALA B 337 -14.53 2.47 1.30
C ALA B 337 -16.03 2.37 1.58
N GLU B 338 -16.38 1.55 2.56
CA GLU B 338 -17.77 1.35 2.96
C GLU B 338 -18.39 2.65 3.48
N GLU B 339 -17.66 3.35 4.35
CA GLU B 339 -18.14 4.61 4.90
C GLU B 339 -18.29 5.67 3.82
N LEU B 340 -17.35 5.68 2.88
CA LEU B 340 -17.40 6.64 1.78
C LEU B 340 -18.59 6.37 0.87
N VAL B 341 -18.95 5.10 0.69
CA VAL B 341 -20.11 4.73 -0.10
C VAL B 341 -21.39 5.18 0.61
N ARG B 342 -21.45 4.95 1.91
CA ARG B 342 -22.60 5.35 2.71
C ARG B 342 -22.86 6.84 2.60
N ARG B 343 -21.80 7.64 2.75
CA ARG B 343 -21.92 9.09 2.62
C ARG B 343 -22.36 9.50 1.22
N GLU B 344 -21.86 8.78 0.23
CA GLU B 344 -22.14 9.09 -1.17
C GLU B 344 -23.61 8.83 -1.50
N LYS B 345 -24.21 7.85 -0.83
CA LYS B 345 -25.63 7.56 -1.02
C LYS B 345 -26.49 8.58 -0.26
N SER B 346 -26.01 9.00 0.90
CA SER B 346 -26.71 10.01 1.68
C SER B 346 -26.58 11.39 1.03
N ARG B 347 -25.60 11.53 0.15
CA ARG B 347 -25.38 12.79 -0.54
C ARG B 347 -26.44 13.00 -1.62
N LYS B 348 -27.03 11.89 -2.08
CA LYS B 348 -28.11 11.96 -3.06
C LYS B 348 -29.47 11.96 -2.38
N VAL B 349 -29.60 11.16 -1.32
CA VAL B 349 -30.85 11.10 -0.57
C VAL B 349 -30.96 12.28 0.40
N ILE B 371 -27.59 -4.32 8.59
CA ILE B 371 -26.77 -4.40 7.38
C ILE B 371 -25.69 -5.47 7.53
N PRO B 372 -25.55 -6.32 6.50
CA PRO B 372 -24.56 -7.39 6.52
C PRO B 372 -23.16 -6.88 6.18
N PRO B 373 -22.12 -7.71 6.40
CA PRO B 373 -20.76 -7.26 6.14
C PRO B 373 -20.48 -7.15 4.65
N ILE B 374 -19.44 -6.41 4.29
CA ILE B 374 -19.16 -6.12 2.90
C ILE B 374 -18.10 -7.06 2.32
N PHE B 375 -17.33 -7.71 3.19
CA PHE B 375 -16.40 -8.74 2.78
C PHE B 375 -16.54 -9.95 3.70
N ASN B 376 -15.99 -11.10 3.28
CA ASN B 376 -16.13 -12.31 4.08
C ASN B 376 -15.22 -12.27 5.31
N ARG B 377 -15.78 -11.83 6.43
CA ARG B 377 -15.01 -11.67 7.66
C ARG B 377 -14.56 -13.01 8.23
N VAL B 378 -15.35 -14.05 7.99
CA VAL B 378 -15.04 -15.39 8.48
C VAL B 378 -13.88 -16.00 7.69
N ALA B 379 -13.98 -15.95 6.37
CA ALA B 379 -12.96 -16.53 5.51
C ALA B 379 -11.59 -15.89 5.75
N LEU B 380 -11.58 -14.56 5.92
CA LEU B 380 -10.32 -13.86 6.15
C LEU B 380 -9.66 -14.34 7.43
N GLN B 381 -10.46 -14.53 8.48
CA GLN B 381 -9.94 -15.03 9.74
C GLN B 381 -9.42 -16.45 9.57
N GLU B 382 -10.13 -17.25 8.78
CA GLU B 382 -9.72 -18.63 8.51
C GLU B 382 -8.38 -18.69 7.78
N PHE B 383 -8.19 -17.81 6.80
CA PHE B 383 -6.91 -17.72 6.12
C PHE B 383 -5.79 -17.44 7.11
N THR B 384 -6.03 -16.48 7.99
CA THR B 384 -5.06 -16.08 9.01
C THR B 384 -4.70 -17.22 9.96
N LEU B 385 -5.73 -17.92 10.44
CA LEU B 385 -5.52 -18.99 11.42
C LEU B 385 -4.89 -20.22 10.79
N VAL B 386 -5.39 -20.58 9.62
CA VAL B 386 -5.02 -21.83 8.97
C VAL B 386 -3.77 -21.72 8.12
N ALA B 387 -3.69 -20.65 7.33
CA ALA B 387 -2.63 -20.53 6.32
C ALA B 387 -1.52 -19.55 6.69
N ALA B 388 -1.85 -18.48 7.40
CA ALA B 388 -0.89 -17.39 7.63
C ALA B 388 0.01 -17.61 8.84
N GLN B 389 -0.42 -18.46 9.76
CA GLN B 389 0.39 -18.80 10.92
C GLN B 389 1.52 -19.76 10.55
N GLN B 390 2.70 -19.50 11.09
CA GLN B 390 3.80 -20.46 11.01
C GLN B 390 3.32 -21.79 11.59
N ASP B 391 3.82 -22.89 11.05
CA ASP B 391 3.46 -24.22 11.56
C ASP B 391 3.71 -24.27 13.06
N PRO B 392 2.84 -25.00 13.80
CA PRO B 392 2.91 -24.98 15.25
C PRO B 392 4.14 -25.70 15.81
N GLY B 393 4.62 -25.23 16.97
CA GLY B 393 5.78 -25.83 17.61
C GLY B 393 7.09 -25.45 16.97
N SER B 394 7.14 -24.25 16.39
CA SER B 394 8.34 -23.78 15.71
C SER B 394 8.72 -22.36 16.12
N THR B 395 9.08 -21.53 15.15
CA THR B 395 9.58 -20.18 15.40
C THR B 395 8.47 -19.18 15.73
N GLY B 396 7.23 -19.52 15.36
CA GLY B 396 6.13 -18.59 15.51
C GLY B 396 6.17 -17.51 14.44
N GLY B 397 5.32 -16.50 14.59
CA GLY B 397 5.22 -15.44 13.60
C GLY B 397 4.23 -15.78 12.51
N LEU B 398 3.79 -14.77 11.77
CA LEU B 398 2.89 -15.00 10.64
C LEU B 398 3.58 -14.64 9.33
N ARG B 399 3.03 -15.16 8.24
CA ARG B 399 3.71 -15.12 6.96
C ARG B 399 2.80 -14.70 5.82
N ASP B 400 3.40 -14.51 4.65
CA ASP B 400 2.67 -14.20 3.43
C ASP B 400 1.80 -15.38 3.00
N LYS B 401 2.42 -16.54 2.83
CA LYS B 401 1.74 -17.75 2.41
C LYS B 401 2.52 -18.97 2.88
N PRO B 402 1.87 -20.14 2.88
CA PRO B 402 2.64 -21.38 3.09
C PRO B 402 3.79 -21.44 2.10
N GLY B 403 4.99 -21.77 2.59
CA GLY B 403 6.16 -21.80 1.74
C GLY B 403 7.00 -20.55 1.90
N LYS B 404 6.45 -19.55 2.57
CA LYS B 404 7.19 -18.32 2.83
C LYS B 404 7.52 -18.22 4.32
N ARG B 405 8.74 -17.79 4.62
CA ARG B 405 9.15 -17.60 6.00
C ARG B 405 8.32 -16.50 6.64
N PRO B 406 7.99 -16.64 7.94
CA PRO B 406 7.33 -15.55 8.65
C PRO B 406 8.31 -14.39 8.83
N ASP B 407 7.80 -13.19 9.01
CA ASP B 407 8.63 -12.04 9.33
C ASP B 407 7.82 -11.01 10.10
N GLN B 408 8.50 -10.02 10.66
CA GLN B 408 7.84 -9.01 11.48
C GLN B 408 6.75 -8.28 10.70
N TYR B 409 7.05 -7.93 9.46
CA TYR B 409 6.12 -7.21 8.60
C TYR B 409 4.81 -7.95 8.38
N HIS B 410 4.90 -9.23 8.01
CA HIS B 410 3.69 -10.03 7.78
C HIS B 410 2.99 -10.39 9.08
N THR B 411 3.75 -10.47 10.17
CA THR B 411 3.14 -10.68 11.47
C THR B 411 2.22 -9.51 11.81
N CYS B 412 2.75 -8.31 11.71
CA CYS B 412 1.98 -7.10 12.03
C CYS B 412 0.75 -6.96 11.15
N ASN B 413 0.93 -7.13 9.83
CA ASN B 413 -0.16 -6.90 8.90
C ASN B 413 -1.20 -8.01 8.86
N ASN B 414 -0.78 -9.26 9.08
CA ASN B 414 -1.75 -10.33 9.24
C ASN B 414 -2.67 -10.06 10.42
N LEU B 415 -2.06 -9.69 11.55
CA LEU B 415 -2.80 -9.45 12.78
C LEU B 415 -3.68 -8.22 12.67
N SER B 416 -3.17 -7.17 12.02
CA SER B 416 -3.96 -5.95 11.81
C SER B 416 -5.20 -6.27 10.98
N GLY B 417 -5.02 -7.07 9.93
CA GLY B 417 -6.12 -7.48 9.09
C GLY B 417 -7.09 -8.37 9.85
N LEU B 418 -6.54 -9.26 10.66
CA LEU B 418 -7.36 -10.15 11.49
C LEU B 418 -8.27 -9.32 12.40
N SER B 419 -7.72 -8.26 12.97
CA SER B 419 -8.46 -7.37 13.86
C SER B 419 -9.65 -6.75 13.13
N ILE B 420 -9.42 -6.27 11.92
CA ILE B 420 -10.47 -5.67 11.12
C ILE B 420 -11.60 -6.65 10.83
N ALA B 421 -11.25 -7.92 10.62
CA ALA B 421 -12.23 -8.96 10.34
C ALA B 421 -13.00 -9.39 11.59
N GLN B 422 -12.32 -9.37 12.74
CA GLN B 422 -12.92 -9.78 14.00
C GLN B 422 -13.88 -8.73 14.56
N HIS B 423 -13.56 -7.45 14.35
CA HIS B 423 -14.33 -6.37 14.95
C HIS B 423 -14.96 -5.46 13.90
N LYS B 424 -16.28 -5.30 14.00
CA LYS B 424 -17.01 -4.43 13.08
C LYS B 424 -16.73 -2.97 13.42
N MET B 425 -15.82 -2.35 12.67
CA MET B 425 -15.46 -0.95 12.90
C MET B 425 -16.25 -0.02 11.99
N SER B 426 -16.89 0.97 12.61
CA SER B 426 -17.68 1.95 11.86
C SER B 426 -17.33 3.36 12.30
N HIS B 427 -17.39 4.30 11.36
CA HIS B 427 -17.20 5.71 11.68
C HIS B 427 -18.56 6.31 12.02
N SER B 428 -18.73 6.72 13.28
CA SER B 428 -20.04 7.14 13.78
C SER B 428 -20.23 8.65 13.80
N PRO B 429 -21.19 9.14 13.02
CA PRO B 429 -21.56 10.56 13.00
C PRO B 429 -22.02 11.05 14.37
N SER B 430 -22.74 10.22 15.10
CA SER B 430 -23.20 10.59 16.44
C SER B 430 -22.04 10.68 17.41
N THR B 431 -21.02 9.84 17.21
CA THR B 431 -19.81 9.91 18.01
C THR B 431 -19.02 11.17 17.65
N VAL B 432 -19.00 11.50 16.37
CA VAL B 432 -18.33 12.72 15.91
C VAL B 432 -19.03 13.95 16.50
N SER B 433 -20.36 13.90 16.55
CA SER B 433 -21.13 14.99 17.14
C SER B 433 -20.81 15.15 18.62
N SER B 434 -20.82 14.02 19.33
CA SER B 434 -20.49 14.02 20.76
C SER B 434 -19.10 14.61 20.99
N ASN B 435 -18.16 14.26 20.12
CA ASN B 435 -16.82 14.80 20.19
C ASN B 435 -16.80 16.33 20.00
N ARG B 436 -17.58 16.82 19.04
CA ARG B 436 -17.70 18.25 18.81
C ARG B 436 -18.18 18.98 20.06
N LEU B 437 -19.11 18.36 20.79
CA LEU B 437 -19.73 19.00 21.94
C LEU B 437 -18.79 19.13 23.13
N LYS B 438 -17.79 18.27 23.21
CA LYS B 438 -16.88 18.26 24.35
C LYS B 438 -15.58 18.98 24.04
N PHE B 439 -15.34 19.26 22.76
CA PHE B 439 -14.12 19.92 22.31
C PHE B 439 -13.93 21.28 22.98
N ASP B 440 -12.71 21.53 23.44
CA ASP B 440 -12.38 22.79 24.09
C ASP B 440 -11.35 23.54 23.24
N ALA B 441 -11.81 24.52 22.47
CA ALA B 441 -10.95 25.23 21.52
C ALA B 441 -9.94 26.17 22.19
N SER B 442 -10.19 26.54 23.44
CA SER B 442 -9.28 27.42 24.17
C SER B 442 -8.02 26.66 24.62
N LYS B 443 -8.06 25.34 24.50
CA LYS B 443 -6.92 24.50 24.86
C LYS B 443 -6.23 23.99 23.60
N GLY B 444 -4.90 24.06 23.58
CA GLY B 444 -4.14 23.57 22.46
C GLY B 444 -2.73 24.09 22.37
N LEU B 445 -1.89 23.39 21.61
CA LEU B 445 -0.51 23.78 21.41
C LEU B 445 -0.41 24.96 20.45
N PRO B 446 0.73 25.68 20.46
CA PRO B 446 0.90 26.84 19.58
C PRO B 446 0.71 26.47 18.12
N ALA B 447 0.03 27.34 17.37
CA ALA B 447 -0.18 27.11 15.95
C ALA B 447 1.14 27.04 15.20
N VAL B 448 1.22 26.17 14.20
CA VAL B 448 2.40 26.12 13.36
C VAL B 448 2.47 27.39 12.51
N LYS B 449 3.68 27.92 12.33
CA LYS B 449 3.86 29.07 11.45
C LYS B 449 4.03 28.58 10.03
N PRO B 450 3.21 29.11 9.11
CA PRO B 450 3.28 28.68 7.71
C PRO B 450 4.52 29.22 7.00
N VAL B 451 4.92 28.55 5.93
CA VAL B 451 6.07 28.98 5.14
C VAL B 451 5.73 30.23 4.35
N ALA B 452 4.53 30.24 3.77
CA ALA B 452 4.01 31.42 3.09
C ALA B 452 3.14 32.22 4.06
N PRO B 453 3.22 33.56 3.99
CA PRO B 453 2.47 34.43 4.90
C PRO B 453 0.98 34.07 4.95
N GLY B 454 0.36 33.88 3.79
CA GLY B 454 -1.05 33.57 3.72
C GLY B 454 -1.32 32.07 3.58
N GLY B 455 -0.34 31.26 3.96
CA GLY B 455 -0.47 29.82 3.84
C GLY B 455 -1.24 29.19 4.98
N GLY B 456 -1.56 29.99 5.99
CA GLY B 456 -2.26 29.50 7.16
C GLY B 456 -3.77 29.67 7.03
N TRP B 457 -4.48 29.34 8.10
CA TRP B 457 -5.93 29.51 8.12
C TRP B 457 -6.31 30.98 8.07
N LYS B 458 -7.44 31.28 7.40
CA LYS B 458 -7.91 32.65 7.22
C LYS B 458 -7.88 33.43 8.53
N ASN B 459 -8.39 32.82 9.60
CA ASN B 459 -8.38 33.45 10.91
C ASN B 459 -8.52 32.42 12.03
N GLU B 460 -8.34 32.87 13.26
CA GLU B 460 -8.37 31.97 14.42
C GLU B 460 -9.67 31.15 14.49
N ASP B 461 -10.78 31.76 14.09
CA ASP B 461 -12.07 31.07 14.11
C ASP B 461 -12.07 29.86 13.19
N GLU B 462 -11.64 30.05 11.95
CA GLU B 462 -11.61 28.96 10.99
C GLU B 462 -10.55 27.92 11.36
N ARG B 463 -9.51 28.35 12.06
CA ARG B 463 -8.47 27.44 12.50
C ARG B 463 -9.00 26.52 13.59
N GLN B 464 -9.74 27.09 14.55
CA GLN B 464 -10.30 26.31 15.63
C GLN B 464 -11.40 25.38 15.13
N ASN B 465 -12.14 25.82 14.12
CA ASN B 465 -13.16 24.99 13.51
C ASN B 465 -12.51 23.81 12.78
N ALA B 466 -11.37 24.06 12.16
CA ALA B 466 -10.62 23.00 11.50
C ALA B 466 -10.06 22.03 12.54
N ARG B 467 -9.51 22.58 13.62
CA ARG B 467 -8.99 21.76 14.70
C ARG B 467 -10.07 20.84 15.25
N ARG B 468 -11.26 21.38 15.46
CA ARG B 468 -12.37 20.59 16.00
C ARG B 468 -12.77 19.46 15.05
N GLU B 469 -12.95 19.80 13.78
CA GLU B 469 -13.36 18.81 12.78
C GLU B 469 -12.33 17.69 12.64
N ILE B 470 -11.07 18.06 12.47
CA ILE B 470 -10.01 17.09 12.30
C ILE B 470 -9.92 16.16 13.52
N TRP B 471 -9.96 16.76 14.71
CA TRP B 471 -9.88 16.00 15.95
C TRP B 471 -11.11 15.14 16.17
N ALA B 472 -12.30 15.70 15.96
CA ALA B 472 -13.55 14.99 16.21
C ALA B 472 -13.69 13.76 15.31
N ASN B 473 -13.32 13.90 14.05
CA ASN B 473 -13.42 12.81 13.09
C ASN B 473 -12.36 11.73 13.31
N ALA B 474 -11.15 12.15 13.69
CA ALA B 474 -10.09 11.19 13.98
C ALA B 474 -10.52 10.23 15.09
N LEU B 475 -11.41 10.70 15.96
CA LEU B 475 -11.89 9.89 17.08
C LEU B 475 -13.32 9.41 16.83
N GLY B 476 -13.69 9.30 15.57
CA GLY B 476 -15.04 8.90 15.20
C GLY B 476 -15.24 7.41 15.01
N TRP B 477 -14.15 6.65 14.98
CA TRP B 477 -14.24 5.20 14.77
C TRP B 477 -14.65 4.47 16.04
N ILE B 478 -15.73 3.69 15.94
CA ILE B 478 -16.20 2.92 17.08
C ILE B 478 -16.39 1.45 16.71
N GLU B 479 -16.36 0.61 17.74
CA GLU B 479 -16.61 -0.82 17.57
C GLU B 479 -18.08 -1.09 17.82
N GLU B 480 -18.78 -1.54 16.78
CA GLU B 480 -20.20 -1.84 16.91
C GLU B 480 -20.44 -2.98 17.88
N GLU B 481 -21.25 -2.72 18.91
CA GLU B 481 -21.60 -3.74 19.88
C GLU B 481 -22.36 -4.88 19.20
N GLY B 482 -21.94 -6.11 19.50
CA GLY B 482 -22.57 -7.28 18.92
C GLY B 482 -22.14 -7.55 17.49
N GLY B 483 -21.24 -6.73 16.98
CA GLY B 483 -20.72 -6.89 15.63
C GLY B 483 -19.48 -7.76 15.60
N GLU B 484 -19.09 -8.26 16.76
CA GLU B 484 -17.89 -9.07 16.89
C GLU B 484 -18.09 -10.47 16.33
N ILE B 485 -17.12 -10.94 15.55
CA ILE B 485 -17.13 -12.32 15.06
C ILE B 485 -15.75 -12.93 15.28
N ILE B 486 -15.65 -13.83 16.25
CA ILE B 486 -14.38 -14.47 16.56
C ILE B 486 -14.38 -15.93 16.13
N VAL B 487 -13.83 -16.19 14.95
CA VAL B 487 -13.77 -17.56 14.42
C VAL B 487 -12.88 -18.42 15.32
N GLY B 488 -13.41 -19.55 15.74
CA GLY B 488 -12.65 -20.50 16.54
C GLY B 488 -12.78 -20.30 18.03
N GLY B 489 -13.46 -19.23 18.44
CA GLY B 489 -13.69 -19.00 19.86
C GLY B 489 -12.96 -17.81 20.41
N LYS B 490 -13.37 -17.38 21.61
CA LYS B 490 -12.87 -16.14 22.20
C LYS B 490 -11.37 -16.12 22.47
N ASP B 491 -10.75 -17.28 22.60
CA ASP B 491 -9.31 -17.34 22.83
C ASP B 491 -8.53 -16.84 21.61
N ASN B 492 -9.19 -16.81 20.45
CA ASN B 492 -8.57 -16.29 19.23
C ASN B 492 -8.69 -14.78 19.12
N ARG B 493 -9.47 -14.16 20.00
CA ARG B 493 -9.73 -12.73 19.93
C ARG B 493 -8.46 -11.92 20.15
N ILE B 494 -8.19 -10.98 19.25
CA ILE B 494 -7.15 -10.00 19.48
C ILE B 494 -7.79 -8.64 19.64
N ASN B 495 -6.99 -7.63 19.96
CA ASN B 495 -7.51 -6.29 20.20
C ASN B 495 -7.93 -5.57 18.94
N THR B 496 -8.60 -4.45 19.11
CA THR B 496 -9.24 -3.74 18.01
C THR B 496 -8.36 -2.61 17.50
N THR B 497 -7.92 -2.72 16.26
CA THR B 497 -7.13 -1.67 15.65
C THR B 497 -8.07 -0.66 15.01
N THR B 498 -7.60 0.57 14.85
CA THR B 498 -8.43 1.61 14.25
C THR B 498 -8.17 1.69 12.75
N PRO B 499 -9.25 1.73 11.95
CA PRO B 499 -9.07 1.95 10.51
C PRO B 499 -8.32 3.27 10.27
N VAL B 500 -7.66 3.38 9.12
CA VAL B 500 -6.94 4.60 8.73
C VAL B 500 -5.60 4.79 9.46
N PHE B 501 -5.62 4.74 10.79
CA PHE B 501 -4.42 4.97 11.59
C PHE B 501 -3.62 3.68 11.82
N ASN B 502 -4.33 2.58 12.02
CA ASN B 502 -3.74 1.29 12.39
C ASN B 502 -2.97 1.29 13.70
N ILE B 503 -3.54 1.91 14.73
CA ILE B 503 -3.12 1.68 16.10
C ILE B 503 -4.37 1.45 16.93
N LEU B 504 -4.25 0.79 18.08
CA LEU B 504 -5.40 0.54 18.93
C LEU B 504 -6.07 1.85 19.31
N GLY B 505 -7.39 1.82 19.44
CA GLY B 505 -8.14 3.00 19.83
C GLY B 505 -7.68 3.55 21.18
N LEU B 506 -7.32 2.64 22.08
CA LEU B 506 -6.87 3.03 23.42
C LEU B 506 -5.48 3.67 23.38
N ARG B 507 -4.80 3.58 22.24
CA ARG B 507 -3.56 4.30 22.01
C ARG B 507 -3.83 5.62 21.31
N LEU B 508 -4.71 5.57 20.30
CA LEU B 508 -5.03 6.73 19.49
C LEU B 508 -5.58 7.89 20.31
N LYS B 509 -6.54 7.60 21.18
CA LYS B 509 -7.25 8.66 21.90
C LYS B 509 -6.39 9.48 22.86
N PRO B 510 -5.66 8.82 23.77
CA PRO B 510 -4.83 9.59 24.69
C PRO B 510 -3.75 10.36 23.94
N PHE B 511 -3.27 9.77 22.85
CA PHE B 511 -2.22 10.36 22.05
C PHE B 511 -2.68 11.65 21.36
N ILE B 512 -3.75 11.55 20.57
CA ILE B 512 -4.24 12.72 19.86
C ILE B 512 -4.79 13.76 20.83
N ASN B 513 -5.32 13.30 21.96
CA ASN B 513 -5.83 14.22 22.98
C ASN B 513 -4.71 15.03 23.62
N TYR B 514 -3.52 14.44 23.66
CA TYR B 514 -2.36 15.14 24.22
C TYR B 514 -1.94 16.31 23.33
N PHE B 515 -1.86 16.07 22.04
CA PHE B 515 -1.40 17.10 21.10
C PHE B 515 -2.47 18.15 20.80
N TYR B 516 -3.73 17.83 21.08
CA TYR B 516 -4.81 18.80 20.94
C TYR B 516 -5.23 19.36 22.29
N CYS B 517 -4.55 18.91 23.34
CA CYS B 517 -4.84 19.36 24.70
C CYS B 517 -6.30 19.15 25.08
N GLN B 518 -6.82 17.98 24.77
CA GLN B 518 -8.21 17.64 25.05
C GLN B 518 -8.29 16.50 26.08
N GLU B 519 -7.22 16.34 26.85
CA GLU B 519 -7.13 15.23 27.80
C GLU B 519 -8.18 15.34 28.91
N PRO C 3 10.20 -21.69 3.80
CA PRO C 3 11.63 -21.83 3.53
C PRO C 3 12.20 -20.62 2.79
N THR C 4 11.41 -20.00 1.92
CA THR C 4 11.88 -18.85 1.14
C THR C 4 11.43 -17.51 1.74
N ALA C 5 12.32 -16.54 1.71
CA ALA C 5 12.02 -15.21 2.25
C ALA C 5 11.00 -14.47 1.37
N SER C 6 10.15 -13.68 2.01
CA SER C 6 9.14 -12.91 1.29
C SER C 6 9.71 -11.57 0.83
N ALA C 7 9.29 -11.12 -0.35
CA ALA C 7 9.81 -9.89 -0.92
C ALA C 7 8.75 -8.78 -0.95
N CYS C 8 8.19 -8.45 0.21
CA CYS C 8 7.21 -7.38 0.30
C CYS C 8 7.84 -6.11 0.87
N ASN C 9 8.45 -5.31 -0.02
CA ASN C 9 9.07 -4.05 0.38
C ASN C 9 8.09 -2.88 0.34
N ILE C 10 8.00 -2.14 1.45
CA ILE C 10 7.12 -0.98 1.51
C ILE C 10 7.90 0.33 1.59
N GLN C 11 9.22 0.23 1.70
CA GLN C 11 10.07 1.42 1.73
C GLN C 11 11.35 1.21 0.92
ZN ZN D . 3.08 -9.81 1.81
OAA 3CX E . -17.01 -20.01 24.29
OAB 3CX E . -15.19 -18.70 24.77
OAC 3CX E . -12.38 -19.73 24.01
OAD 3CX E . -15.34 -18.97 22.67
CAE 3CX E . -7.98 -24.70 24.68
CAF 3CX E . -9.13 -24.34 25.55
CAG 3CX E . -7.83 -23.66 23.62
CAH 3CX E . -10.40 -24.30 24.77
CAI 3CX E . -9.05 -23.55 22.76
CAJ 3CX E . -12.18 -22.10 23.91
CAK 3CX E . -14.41 -20.86 24.50
NAL 3CX E . -10.74 -22.10 23.76
CAM 3CX E . -12.95 -20.79 24.08
CAN 3CX E . -10.35 -23.49 23.50
SAO 3CX E . -15.60 -19.80 23.85
OAA 3CX F . 0.25 -20.61 23.17
OAB 3CX F . 1.45 -20.49 21.21
OAC 3CX F . 2.36 -22.13 24.39
OAD 3CX F . -0.38 -21.50 20.87
CAE 3CX F . 3.13 -27.09 28.06
CAF 3CX F . 2.35 -25.82 28.04
CAG 3CX F . 3.97 -27.23 26.83
CAH 3CX F . 1.51 -25.71 26.80
CAI 3CX F . 3.15 -27.16 25.59
CAJ 3CX F . 2.73 -24.41 23.81
CAK 3CX F . 1.83 -22.60 22.12
NAL 3CX F . 3.04 -24.76 25.18
CAM 3CX F . 2.37 -22.95 23.50
CAN 3CX F . 2.27 -25.95 25.53
SAO 3CX F . 0.58 -21.44 21.96
C1 FPS G . 4.94 -4.85 -5.29
S1 FPS G . 5.70 -6.07 -4.18
C2 FPS G . 4.29 -3.85 -4.57
C3 FPS G . 4.58 -2.49 -4.60
C4 FPS G . 5.71 -1.97 -5.49
C5 FPS G . 3.76 -1.51 -3.75
C6 FPS G . 3.84 -1.89 -2.27
C7 FPS G . 3.29 -0.89 -1.47
C8 FPS G . 2.62 -1.08 -0.27
C10 FPS G . 2.08 0.13 0.49
C9 FPS G . 2.43 -2.48 0.29
C11 FPS G . 2.36 0.00 1.99
C12 FPS G . 3.36 0.88 2.40
C13 FPS G . 3.21 1.95 3.26
C14 FPS G . 1.84 2.26 3.87
C15 FPS G . 4.41 2.83 3.62
PA FPS G . 5.03 -7.75 -5.01
O1A FPS G . 6.11 -8.89 -4.58
O2A FPS G . 4.93 -7.62 -6.49
O3A FPS G . 3.65 -8.13 -4.29
PB FPS G . 2.37 -8.54 -5.17
O1B FPS G . 1.36 -9.29 -4.14
O2B FPS G . 1.74 -7.40 -5.87
O3B FPS G . 2.89 -9.70 -6.18
#